data_6J7H
#
_entry.id   6J7H
#
_cell.length_a   56.281
_cell.length_b   90.564
_cell.length_c   171.526
_cell.angle_alpha   90.00
_cell.angle_beta   90.00
_cell.angle_gamma   90.00
#
_symmetry.space_group_name_H-M   'P 21 21 21'
#
loop_
_entity.id
_entity.type
_entity.pdbx_description
1 polymer 'Blue fluorescent protein'
2 water water
#
_entity_poly.entity_id   1
_entity_poly.type   'polypeptide(L)'
_entity_poly.pdbx_seq_one_letter_code
;MRGSHHHHHHGSACQNLNGKVAFVTGGSRGIGAAIVRRLAADGADIAFTYVSASSKNVATALVQELEAKGRRARAIQADS
ADPAQVRQAVEQAIVQLGPVDVLVNNAGIFLAGPLGEVTLDDYERTMNINVRAPFVAIQAAQASMPDGGRIINIGSCLAE
RAGRAGVTLYAASKSALLGMTRGLARDLGARGITANVVHPGPIDTDMNPADGERSGELVAVLSLPHYGEVRDIAGMVAFL
AGPDGRYVTGASLAVDGGFAA
;
_entity_poly.pdbx_strand_id   A,B,C,D
#
# COMPACT_ATOMS: atom_id res chain seq x y z
N ASN A 16 26.25 11.71 15.23
CA ASN A 16 26.51 11.24 13.92
C ASN A 16 26.96 9.77 13.86
N LEU A 17 27.83 9.40 12.98
CA LEU A 17 28.22 8.03 12.85
C LEU A 17 29.61 7.64 13.26
N ASN A 18 30.14 8.39 14.20
CA ASN A 18 31.44 8.21 14.78
C ASN A 18 31.49 6.88 15.45
N GLY A 19 32.49 6.07 15.14
CA GLY A 19 32.71 4.74 15.67
C GLY A 19 31.96 3.63 14.96
N LYS A 20 31.15 3.96 13.95
CA LYS A 20 30.35 2.97 13.24
C LYS A 20 31.05 2.61 11.93
N VAL A 21 30.84 1.38 11.48
CA VAL A 21 31.33 0.88 10.20
C VAL A 21 30.17 0.75 9.24
N ALA A 22 30.33 1.26 8.02
CA ALA A 22 29.33 1.14 6.97
C ALA A 22 29.85 0.30 5.81
N PHE A 23 28.97 -0.51 5.24
CA PHE A 23 29.27 -1.32 4.05
C PHE A 23 28.25 -0.96 2.98
N VAL A 24 28.74 -0.64 1.78
CA VAL A 24 27.89 -0.21 0.67
C VAL A 24 28.26 -1.00 -0.57
N THR A 25 27.34 -1.80 -1.10
CA THR A 25 27.58 -2.41 -2.40
C THR A 25 27.48 -1.39 -3.53
N GLY A 26 28.35 -1.54 -4.53
CA GLY A 26 28.30 -0.64 -5.68
C GLY A 26 28.60 0.80 -5.31
N GLY A 27 29.52 1.02 -4.37
CA GLY A 27 29.81 2.33 -3.83
C GLY A 27 30.77 3.19 -4.63
N SER A 28 31.28 2.69 -5.75
CA SER A 28 32.27 3.40 -6.54
C SER A 28 31.67 4.48 -7.45
N ARG A 29 30.36 4.53 -7.61
CA ARG A 29 29.81 5.34 -8.68
C ARG A 29 28.40 5.80 -8.35
N GLY A 30 27.99 6.91 -9.01
CA GLY A 30 26.61 7.33 -8.99
C GLY A 30 26.05 7.53 -7.60
N ILE A 31 24.86 6.94 -7.38
CA ILE A 31 24.19 7.01 -6.09
C ILE A 31 25.04 6.36 -5.02
N GLY A 32 25.74 5.28 -5.37
CA GLY A 32 26.54 4.58 -4.37
C GLY A 32 27.73 5.40 -3.91
N ALA A 33 28.35 6.15 -4.82
CA ALA A 33 29.46 7.02 -4.40
C ALA A 33 28.95 8.15 -3.52
N ALA A 34 27.77 8.70 -3.84
CA ALA A 34 27.21 9.74 -2.98
C ALA A 34 26.85 9.21 -1.61
N ILE A 35 26.43 7.94 -1.51
CA ILE A 35 26.11 7.38 -0.20
C ILE A 35 27.37 7.23 0.63
N VAL A 36 28.44 6.67 0.03
CA VAL A 36 29.67 6.44 0.78
C VAL A 36 30.31 7.76 1.21
N ARG A 37 30.23 8.81 0.36
CA ARG A 37 30.78 10.10 0.74
C ARG A 37 29.98 10.73 1.87
N ARG A 38 28.64 10.69 1.79
CA ARG A 38 27.83 11.28 2.84
C ARG A 38 28.01 10.53 4.16
N LEU A 39 28.03 9.20 4.11
CA LEU A 39 28.23 8.43 5.34
C LEU A 39 29.60 8.70 5.95
N ALA A 40 30.63 8.87 5.10
CA ALA A 40 31.96 9.18 5.62
C ALA A 40 32.02 10.56 6.26
N ALA A 41 31.31 11.54 5.69
CA ALA A 41 31.30 12.88 6.26
C ALA A 41 30.61 12.92 7.61
N ASP A 42 29.71 11.97 7.89
CA ASP A 42 29.08 11.84 9.18
C ASP A 42 29.90 11.00 10.16
N GLY A 43 31.10 10.57 9.75
CA GLY A 43 32.05 9.92 10.64
C GLY A 43 32.15 8.40 10.58
N ALA A 44 31.44 7.73 9.68
CA ALA A 44 31.58 6.27 9.57
C ALA A 44 32.84 5.88 8.81
N ASP A 45 33.49 4.80 9.27
CA ASP A 45 34.41 4.06 8.40
C ASP A 45 33.60 3.31 7.34
N ILE A 46 34.19 3.19 6.15
CA ILE A 46 33.44 2.74 4.98
C ILE A 46 34.20 1.64 4.23
N ALA A 47 33.51 0.54 3.94
CA ALA A 47 33.93 -0.39 2.90
C ALA A 47 32.89 -0.37 1.79
N PHE A 48 33.35 -0.40 0.54
CA PHE A 48 32.41 -0.45 -0.59
C PHE A 48 32.97 -1.35 -1.68
N THR A 49 32.05 -1.90 -2.48
CA THR A 49 32.40 -2.79 -3.58
C THR A 49 32.29 -2.09 -4.94
N TYR A 50 33.05 -2.61 -5.91
CA TYR A 50 32.99 -2.26 -7.32
C TYR A 50 33.00 -3.57 -8.12
N VAL A 51 32.36 -3.55 -9.30
CA VAL A 51 32.10 -4.80 -10.03
C VAL A 51 33.31 -5.21 -10.88
N SER A 52 33.65 -4.39 -11.87
CA SER A 52 34.75 -4.66 -12.79
C SER A 52 36.08 -4.19 -12.21
N ALA A 53 37.16 -4.89 -12.58
CA ALA A 53 38.51 -4.46 -12.21
C ALA A 53 38.89 -3.13 -12.86
N SER A 54 38.23 -2.76 -13.96
CA SER A 54 38.49 -1.49 -14.62
C SER A 54 38.10 -0.29 -13.77
N SER A 55 37.22 -0.46 -12.79
CA SER A 55 36.83 0.62 -11.89
C SER A 55 37.85 0.86 -10.78
N LYS A 56 38.94 0.09 -10.77
CA LYS A 56 39.92 0.17 -9.71
C LYS A 56 40.43 1.60 -9.51
N ASN A 57 40.68 2.31 -10.61
CA ASN A 57 41.24 3.65 -10.50
C ASN A 57 40.27 4.61 -9.81
N VAL A 58 38.98 4.55 -10.17
CA VAL A 58 38.00 5.41 -9.54
C VAL A 58 37.81 5.02 -8.08
N ALA A 59 37.76 3.72 -7.79
CA ALA A 59 37.52 3.28 -6.41
C ALA A 59 38.66 3.65 -5.49
N THR A 60 39.90 3.43 -5.92
CA THR A 60 41.05 3.76 -5.07
C THR A 60 41.15 5.26 -4.84
N ALA A 61 40.82 6.06 -5.86
CA ALA A 61 40.80 7.49 -5.65
C ALA A 61 39.74 7.87 -4.60
N LEU A 62 38.58 7.22 -4.65
CA LEU A 62 37.54 7.49 -3.64
C LEU A 62 38.04 7.10 -2.25
N VAL A 63 38.83 6.03 -2.16
CA VAL A 63 39.38 5.62 -0.86
C VAL A 63 40.31 6.69 -0.30
N GLN A 64 41.21 7.22 -1.14
CA GLN A 64 42.10 8.29 -0.69
C GLN A 64 41.30 9.52 -0.31
N GLU A 65 40.21 9.77 -1.04
CA GLU A 65 39.32 10.88 -0.70
C GLU A 65 38.71 10.69 0.68
N LEU A 66 38.34 9.44 0.99
CA LEU A 66 37.78 9.11 2.30
C LEU A 66 38.85 9.09 3.38
N GLU A 67 40.02 8.49 3.10
CA GLU A 67 41.06 8.43 4.14
C GLU A 67 41.66 9.80 4.42
N ALA A 68 41.62 10.67 3.44
CA ALA A 68 42.17 11.97 3.60
C ALA A 68 41.16 12.93 4.16
N LYS A 69 40.22 12.42 4.91
CA LYS A 69 39.26 13.23 5.66
C LYS A 69 39.06 12.64 7.06
N GLY A 70 39.97 11.82 7.45
CA GLY A 70 39.88 11.21 8.73
C GLY A 70 39.21 9.88 8.89
N ARG A 71 38.89 9.26 7.80
CA ARG A 71 38.22 7.99 7.88
C ARG A 71 39.01 6.83 7.34
N ARG A 72 38.72 5.66 7.86
CA ARG A 72 39.26 4.43 7.36
C ARG A 72 38.41 4.01 6.20
N ALA A 73 38.97 3.44 5.19
CA ALA A 73 38.17 3.05 4.04
C ALA A 73 38.84 1.92 3.26
N ARG A 74 38.02 1.10 2.63
CA ARG A 74 38.48 0.00 1.81
C ARG A 74 37.60 -0.13 0.57
N ALA A 75 38.22 -0.41 -0.56
CA ALA A 75 37.50 -0.71 -1.79
C ALA A 75 37.77 -2.18 -2.11
N ILE A 76 36.70 -2.94 -2.34
CA ILE A 76 36.80 -4.38 -2.49
C ILE A 76 36.15 -4.79 -3.80
N GLN A 77 36.92 -5.43 -4.68
CA GLN A 77 36.31 -5.98 -5.88
C GLN A 77 35.36 -7.12 -5.55
N ALA A 78 34.18 -7.10 -6.17
CA ALA A 78 33.20 -8.16 -5.99
C ALA A 78 32.13 -8.04 -7.04
N ASP A 79 32.05 -9.01 -7.95
CA ASP A 79 30.91 -9.05 -8.84
C ASP A 79 29.67 -9.36 -8.02
N SER A 80 28.62 -8.55 -8.19
CA SER A 80 27.41 -8.75 -7.41
C SER A 80 26.69 -10.04 -7.80
N ALA A 81 26.88 -10.50 -9.04
CA ALA A 81 26.24 -11.73 -9.51
C ALA A 81 26.76 -12.98 -8.80
N ASP A 82 27.96 -12.93 -8.22
CA ASP A 82 28.57 -14.09 -7.60
C ASP A 82 28.34 -14.03 -6.10
N PRO A 83 27.51 -14.92 -5.54
CA PRO A 83 27.26 -14.88 -4.08
C PRO A 83 28.51 -15.05 -3.25
N ALA A 84 29.50 -15.82 -3.73
CA ALA A 84 30.72 -16.00 -2.95
C ALA A 84 31.49 -14.68 -2.84
N GLN A 85 31.51 -13.88 -3.91
CA GLN A 85 32.28 -12.63 -3.86
C GLN A 85 31.63 -11.59 -2.96
N VAL A 86 30.29 -11.49 -2.96
CA VAL A 86 29.63 -10.56 -2.07
C VAL A 86 29.89 -10.94 -0.62
N ARG A 87 29.78 -12.24 -0.32
CA ARG A 87 29.98 -12.72 1.04
C ARG A 87 31.42 -12.51 1.52
N GLN A 88 32.40 -12.89 0.71
CA GLN A 88 33.78 -12.68 1.16
C GLN A 88 34.15 -11.21 1.22
N ALA A 89 33.53 -10.36 0.38
CA ALA A 89 33.78 -8.93 0.50
C ALA A 89 33.28 -8.42 1.86
N VAL A 90 32.12 -8.91 2.29
CA VAL A 90 31.62 -8.55 3.61
C VAL A 90 32.52 -9.12 4.70
N GLU A 91 32.98 -10.36 4.54
CA GLU A 91 33.85 -10.95 5.56
C GLU A 91 35.17 -10.19 5.68
N GLN A 92 35.77 -9.78 4.56
CA GLN A 92 37.02 -9.03 4.62
C GLN A 92 36.83 -7.68 5.29
N ALA A 93 35.69 -7.03 5.06
CA ALA A 93 35.45 -5.76 5.71
C ALA A 93 35.32 -5.90 7.21
N ILE A 94 34.69 -6.98 7.69
CA ILE A 94 34.51 -7.05 9.14
C ILE A 94 35.84 -7.33 9.85
N VAL A 95 36.75 -8.08 9.22
CA VAL A 95 38.06 -8.26 9.87
C VAL A 95 38.86 -6.96 9.82
N GLN A 96 38.84 -6.26 8.69
CA GLN A 96 39.70 -5.09 8.54
C GLN A 96 39.13 -3.86 9.25
N LEU A 97 37.80 -3.68 9.20
CA LEU A 97 37.21 -2.50 9.81
C LEU A 97 36.46 -2.78 11.11
N GLY A 98 36.10 -4.04 11.35
CA GLY A 98 35.23 -4.41 12.45
C GLY A 98 33.81 -4.70 11.97
N PRO A 99 32.96 -5.19 12.83
CA PRO A 99 31.59 -5.52 12.45
C PRO A 99 30.79 -4.36 11.89
N VAL A 100 30.07 -4.60 10.84
CA VAL A 100 29.32 -3.59 10.19
C VAL A 100 28.10 -3.09 10.95
N ASP A 101 27.97 -1.78 11.13
CA ASP A 101 26.76 -1.24 11.74
C ASP A 101 25.73 -0.83 10.71
N VAL A 102 26.17 -0.42 9.52
CA VAL A 102 25.28 0.10 8.48
C VAL A 102 25.55 -0.65 7.20
N LEU A 103 24.60 -1.49 6.77
CA LEU A 103 24.69 -2.18 5.50
C LEU A 103 23.75 -1.47 4.53
N VAL A 104 24.28 -1.05 3.38
CA VAL A 104 23.50 -0.39 2.34
C VAL A 104 23.63 -1.22 1.08
N ASN A 105 22.55 -1.90 0.67
CA ASN A 105 22.52 -2.68 -0.56
C ASN A 105 22.09 -1.78 -1.71
N ASN A 106 23.06 -1.14 -2.35
CA ASN A 106 22.81 -0.18 -3.40
C ASN A 106 22.99 -0.75 -4.81
N ALA A 107 23.83 -1.76 -4.98
CA ALA A 107 24.07 -2.28 -6.31
C ALA A 107 22.78 -2.84 -6.90
N GLY A 108 22.60 -2.62 -8.21
CA GLY A 108 21.43 -3.12 -8.91
C GLY A 108 21.59 -2.98 -10.42
N ILE A 109 20.70 -3.65 -11.14
CA ILE A 109 20.74 -3.66 -12.60
C ILE A 109 19.34 -3.43 -13.15
N PHE A 110 19.26 -2.71 -14.27
CA PHE A 110 18.01 -2.33 -14.91
C PHE A 110 17.94 -2.91 -16.32
N LEU A 111 17.38 -4.10 -16.45
CA LEU A 111 17.13 -4.76 -17.73
C LEU A 111 15.65 -4.64 -18.08
N ALA A 112 15.35 -3.85 -19.11
CA ALA A 112 13.98 -3.54 -19.49
C ALA A 112 13.79 -3.85 -20.97
N GLY A 113 12.53 -4.05 -21.38
CA GLY A 113 12.22 -4.32 -22.76
C GLY A 113 10.93 -5.09 -22.93
N PRO A 114 10.59 -5.43 -24.19
CA PRO A 114 9.32 -6.14 -24.43
C PRO A 114 9.29 -7.48 -23.73
N LEU A 115 8.11 -7.84 -23.24
CA LEU A 115 7.99 -9.03 -22.41
C LEU A 115 8.35 -10.29 -23.18
N GLY A 116 8.04 -10.34 -24.48
CA GLY A 116 8.31 -11.56 -25.24
C GLY A 116 9.77 -11.75 -25.60
N GLU A 117 10.57 -10.69 -25.47
CA GLU A 117 11.99 -10.74 -25.76
C GLU A 117 12.84 -10.97 -24.51
N VAL A 118 12.24 -11.05 -23.32
CA VAL A 118 13.02 -11.33 -22.12
C VAL A 118 13.58 -12.75 -22.19
N THR A 119 14.86 -12.89 -21.84
CA THR A 119 15.53 -14.17 -21.88
C THR A 119 15.78 -14.69 -20.48
N LEU A 120 16.07 -16.00 -20.41
CA LEU A 120 16.44 -16.58 -19.12
C LEU A 120 17.70 -15.95 -18.57
N ASP A 121 18.61 -15.54 -19.45
CA ASP A 121 19.81 -14.83 -18.97
C ASP A 121 19.45 -13.49 -18.36
N ASP A 122 18.46 -12.79 -18.93
CA ASP A 122 18.00 -11.55 -18.31
C ASP A 122 17.42 -11.82 -16.93
N TYR A 123 16.64 -12.90 -16.78
CA TYR A 123 16.05 -13.19 -15.49
C TYR A 123 17.12 -13.46 -14.44
N GLU A 124 18.12 -14.28 -14.80
CA GLU A 124 19.14 -14.66 -13.84
C GLU A 124 19.96 -13.46 -13.38
N ARG A 125 20.37 -12.60 -14.31
CA ARG A 125 21.20 -11.47 -13.92
C ARG A 125 20.41 -10.49 -13.06
N THR A 126 19.16 -10.21 -13.44
CA THR A 126 18.35 -9.29 -12.66
C THR A 126 18.12 -9.82 -11.26
N MET A 127 17.79 -11.11 -11.14
CA MET A 127 17.50 -11.66 -9.82
C MET A 127 18.78 -11.89 -9.02
N ASN A 128 19.88 -12.28 -9.68
CA ASN A 128 21.12 -12.49 -8.92
C ASN A 128 21.66 -11.17 -8.36
N ILE A 129 21.55 -10.09 -9.13
CA ILE A 129 22.12 -8.82 -8.69
C ILE A 129 21.15 -8.08 -7.77
N ASN A 130 19.88 -8.00 -8.16
CA ASN A 130 18.93 -7.18 -7.41
C ASN A 130 18.40 -7.85 -6.15
N VAL A 131 18.47 -9.17 -6.03
CA VAL A 131 17.83 -9.85 -4.90
C VAL A 131 18.80 -10.72 -4.12
N ARG A 132 19.45 -11.68 -4.82
CA ARG A 132 20.33 -12.60 -4.13
C ARG A 132 21.51 -11.86 -3.48
N ALA A 133 22.09 -10.91 -4.19
CA ALA A 133 23.22 -10.17 -3.62
C ALA A 133 22.83 -9.42 -2.35
N PRO A 134 21.73 -8.64 -2.31
CA PRO A 134 21.37 -8.04 -1.02
C PRO A 134 21.14 -9.07 0.07
N PHE A 135 20.55 -10.22 -0.28
CA PHE A 135 20.29 -11.22 0.74
C PHE A 135 21.59 -11.88 1.23
N VAL A 136 22.57 -12.07 0.32
CA VAL A 136 23.84 -12.66 0.73
C VAL A 136 24.63 -11.69 1.61
N ALA A 137 24.65 -10.40 1.25
CA ALA A 137 25.35 -9.43 2.09
C ALA A 137 24.71 -9.33 3.47
N ILE A 138 23.39 -9.43 3.54
CA ILE A 138 22.72 -9.38 4.83
C ILE A 138 23.06 -10.60 5.68
N GLN A 139 23.03 -11.78 5.06
CA GLN A 139 23.31 -13.00 5.80
C GLN A 139 24.73 -13.01 6.34
N ALA A 140 25.67 -12.41 5.60
CA ALA A 140 27.06 -12.37 6.07
C ALA A 140 27.25 -11.33 7.18
N ALA A 141 26.54 -10.21 7.10
CA ALA A 141 26.74 -9.13 8.06
C ALA A 141 25.93 -9.31 9.34
N GLN A 142 24.76 -9.97 9.27
CA GLN A 142 23.80 -9.86 10.36
C GLN A 142 24.30 -10.53 11.64
N ALA A 143 25.11 -11.58 11.54
CA ALA A 143 25.46 -12.32 12.76
C ALA A 143 26.27 -11.46 13.72
N SER A 144 27.22 -10.68 13.20
CA SER A 144 28.05 -9.82 14.04
C SER A 144 27.52 -8.39 14.13
N MET A 145 26.40 -8.08 13.50
CA MET A 145 25.96 -6.69 13.49
C MET A 145 25.67 -6.25 14.93
N PRO A 146 26.27 -5.17 15.39
CA PRO A 146 26.00 -4.70 16.76
C PRO A 146 24.58 -4.17 16.90
N ASP A 147 24.08 -4.20 18.14
CA ASP A 147 22.72 -3.72 18.40
C ASP A 147 22.55 -2.29 17.91
N GLY A 148 21.36 -2.00 17.40
CA GLY A 148 21.13 -0.68 16.84
C GLY A 148 21.66 -0.50 15.44
N GLY A 149 22.03 -1.58 14.78
CA GLY A 149 22.52 -1.50 13.43
C GLY A 149 21.40 -1.21 12.44
N ARG A 150 21.80 -0.92 11.21
CA ARG A 150 20.88 -0.47 10.18
C ARG A 150 21.11 -1.28 8.92
N ILE A 151 20.02 -1.79 8.34
CA ILE A 151 20.05 -2.39 7.02
C ILE A 151 19.18 -1.51 6.14
N ILE A 152 19.73 -1.04 5.03
CA ILE A 152 19.06 -0.08 4.16
C ILE A 152 19.16 -0.62 2.73
N ASN A 153 18.06 -1.18 2.24
CA ASN A 153 18.00 -1.62 0.86
C ASN A 153 17.61 -0.47 -0.06
N ILE A 154 18.17 -0.47 -1.27
CA ILE A 154 17.84 0.52 -2.28
C ILE A 154 16.91 -0.15 -3.28
N GLY A 155 15.69 0.37 -3.39
CA GLY A 155 14.71 -0.21 -4.27
C GLY A 155 14.50 0.60 -5.52
N SER A 156 13.24 0.83 -5.84
CA SER A 156 12.87 1.64 -6.98
C SER A 156 11.41 2.05 -6.84
N CYS A 157 11.06 3.20 -7.43
CA CYS A 157 9.65 3.55 -7.50
C CYS A 157 8.89 2.53 -8.34
N LEU A 158 9.58 1.81 -9.24
CA LEU A 158 8.93 0.78 -10.03
C LEU A 158 8.55 -0.45 -9.22
N ALA A 159 9.12 -0.61 -8.02
CA ALA A 159 8.65 -1.70 -7.17
C ALA A 159 7.18 -1.50 -6.78
N GLU A 160 6.76 -0.26 -6.56
CA GLU A 160 5.39 0.02 -6.12
C GLU A 160 4.42 0.33 -7.25
N ARG A 161 4.91 0.93 -8.33
CA ARG A 161 4.09 1.29 -9.47
C ARG A 161 4.90 1.06 -10.74
N ALA A 162 4.42 0.17 -11.62
CA ALA A 162 5.11 -0.06 -12.88
C ALA A 162 4.90 1.11 -13.83
N GLY A 163 3.65 1.57 -13.97
CA GLY A 163 3.32 2.73 -14.76
C GLY A 163 3.42 2.56 -16.26
N ARG A 164 4.27 1.65 -16.73
CA ARG A 164 4.40 1.45 -18.17
C ARG A 164 4.71 -0.01 -18.46
N ALA A 165 4.56 -0.37 -19.74
CA ALA A 165 4.98 -1.66 -20.22
C ALA A 165 6.50 -1.73 -20.36
N GLY A 166 7.04 -2.93 -20.19
CA GLY A 166 8.43 -3.17 -20.45
C GLY A 166 9.35 -3.22 -19.24
N VAL A 167 8.80 -3.17 -18.01
CA VAL A 167 9.67 -3.24 -16.85
C VAL A 167 9.23 -4.34 -15.86
N THR A 168 8.57 -5.38 -16.36
CA THR A 168 8.02 -6.39 -15.47
C THR A 168 9.11 -7.07 -14.65
N LEU A 169 10.21 -7.49 -15.29
CA LEU A 169 11.23 -8.23 -14.58
C LEU A 169 11.91 -7.36 -13.51
N TYR A 170 12.25 -6.12 -13.88
CA TYR A 170 12.91 -5.23 -12.93
C TYR A 170 12.01 -4.90 -11.74
N ALA A 171 10.72 -4.65 -11.99
CA ALA A 171 9.77 -4.34 -10.91
C ALA A 171 9.55 -5.53 -9.99
N ALA A 172 9.58 -6.75 -10.54
CA ALA A 172 9.48 -7.95 -9.70
C ALA A 172 10.68 -8.07 -8.78
N SER A 173 11.90 -7.86 -9.32
CA SER A 173 13.10 -8.00 -8.49
C SER A 173 13.12 -6.95 -7.38
N LYS A 174 12.69 -5.72 -7.69
CA LYS A 174 12.70 -4.66 -6.68
C LYS A 174 11.57 -4.84 -5.66
N SER A 175 10.38 -5.28 -6.09
CA SER A 175 9.30 -5.53 -5.12
C SER A 175 9.62 -6.72 -4.21
N ALA A 176 10.54 -7.59 -4.61
CA ALA A 176 11.04 -8.62 -3.70
C ALA A 176 11.70 -8.02 -2.47
N LEU A 177 12.33 -6.84 -2.60
CA LEU A 177 12.94 -6.20 -1.44
C LEU A 177 11.89 -5.79 -0.41
N LEU A 178 10.66 -5.50 -0.86
CA LEU A 178 9.62 -5.05 0.07
C LEU A 178 9.35 -6.11 1.14
N GLY A 179 9.12 -7.35 0.70
CA GLY A 179 8.89 -8.43 1.65
C GLY A 179 10.14 -8.85 2.41
N MET A 180 11.31 -8.79 1.75
CA MET A 180 12.54 -9.12 2.43
C MET A 180 12.80 -8.13 3.55
N THR A 181 12.55 -6.84 3.27
CA THR A 181 12.83 -5.80 4.25
C THR A 181 11.89 -5.87 5.44
N ARG A 182 10.60 -6.11 5.19
CA ARG A 182 9.65 -6.22 6.30
C ARG A 182 9.94 -7.47 7.14
N GLY A 183 10.33 -8.57 6.50
CA GLY A 183 10.67 -9.76 7.28
C GLY A 183 11.93 -9.56 8.10
N LEU A 184 12.90 -8.83 7.55
CA LEU A 184 14.12 -8.55 8.30
C LEU A 184 13.83 -7.67 9.51
N ALA A 185 12.87 -6.76 9.40
CA ALA A 185 12.54 -5.91 10.55
C ALA A 185 12.03 -6.75 11.70
N ARG A 186 11.24 -7.79 11.40
CA ARG A 186 10.81 -8.70 12.46
C ARG A 186 11.95 -9.58 12.93
N ASP A 187 12.79 -10.06 12.01
CA ASP A 187 13.84 -10.99 12.42
C ASP A 187 14.85 -10.34 13.34
N LEU A 188 15.12 -9.04 13.16
CA LEU A 188 16.23 -8.39 13.84
C LEU A 188 15.83 -7.29 14.82
N GLY A 189 14.52 -7.04 14.97
CA GLY A 189 14.09 -5.93 15.80
C GLY A 189 14.44 -6.11 17.26
N ALA A 190 14.52 -7.36 17.73
CA ALA A 190 14.83 -7.62 19.13
C ALA A 190 16.21 -7.10 19.50
N ARG A 191 17.13 -7.06 18.53
CA ARG A 191 18.46 -6.50 18.74
C ARG A 191 18.50 -5.00 18.51
N GLY A 192 17.38 -4.36 18.20
CA GLY A 192 17.38 -2.94 17.93
C GLY A 192 17.82 -2.57 16.53
N ILE A 193 18.02 -3.56 15.67
CA ILE A 193 18.41 -3.33 14.27
C ILE A 193 17.18 -2.99 13.45
N THR A 194 17.26 -1.93 12.66
CA THR A 194 16.19 -1.52 11.76
C THR A 194 16.49 -1.99 10.34
N ALA A 195 15.42 -2.17 9.56
CA ALA A 195 15.54 -2.58 8.16
C ALA A 195 14.56 -1.78 7.32
N ASN A 196 15.07 -1.04 6.33
CA ASN A 196 14.23 -0.18 5.51
C ASN A 196 14.66 -0.27 4.05
N VAL A 197 13.76 0.12 3.15
CA VAL A 197 14.06 0.16 1.73
C VAL A 197 13.75 1.57 1.20
N VAL A 198 14.72 2.16 0.50
CA VAL A 198 14.54 3.48 -0.12
C VAL A 198 14.24 3.29 -1.59
N HIS A 199 13.25 4.03 -2.10
CA HIS A 199 12.82 3.86 -3.49
C HIS A 199 13.13 5.12 -4.26
N PRO A 200 14.27 5.18 -4.95
CA PRO A 200 14.55 6.36 -5.79
C PRO A 200 13.56 6.48 -6.94
N GLY A 201 13.26 7.71 -7.29
CA GLY A 201 12.61 8.03 -8.54
C GLY A 201 13.66 8.23 -9.60
N PRO A 202 13.35 8.98 -10.67
CA PRO A 202 14.39 9.34 -11.63
C PRO A 202 15.45 10.20 -10.95
N ILE A 203 16.71 9.86 -11.19
CA ILE A 203 17.84 10.53 -10.57
C ILE A 203 18.86 10.83 -11.66
N ASP A 204 19.41 12.04 -11.63
CA ASP A 204 20.36 12.48 -12.65
C ASP A 204 21.71 11.82 -12.38
N THR A 205 22.03 10.79 -13.18
CA THR A 205 23.30 10.07 -13.12
C THR A 205 23.81 9.86 -14.54
N ASP A 206 25.03 9.30 -14.65
CA ASP A 206 25.54 8.94 -15.96
C ASP A 206 24.73 7.82 -16.62
N MET A 207 24.21 6.88 -15.83
CA MET A 207 23.39 5.82 -16.40
C MET A 207 22.02 6.33 -16.83
N ASN A 208 21.49 7.35 -16.16
CA ASN A 208 20.17 7.91 -16.46
C ASN A 208 20.25 9.43 -16.49
N PRO A 209 20.77 10.01 -17.57
CA PRO A 209 20.89 11.48 -17.62
C PRO A 209 19.52 12.13 -17.57
N ALA A 210 19.45 13.29 -16.91
CA ALA A 210 18.20 14.06 -16.85
C ALA A 210 17.87 14.74 -18.18
N ASP A 211 18.83 14.72 -19.10
CA ASP A 211 18.78 15.26 -20.45
C ASP A 211 18.50 14.17 -21.42
N GLY A 212 18.00 13.05 -20.97
CA GLY A 212 17.74 11.90 -21.82
C GLY A 212 16.68 12.01 -22.90
N GLU A 213 16.68 10.98 -23.74
CA GLU A 213 15.83 10.80 -24.89
C GLU A 213 14.37 10.75 -24.48
N ARG A 214 14.09 10.02 -23.41
CA ARG A 214 12.76 9.86 -22.90
C ARG A 214 12.51 10.61 -21.57
N SER A 215 13.38 11.56 -21.28
CA SER A 215 13.30 12.34 -20.08
C SER A 215 12.03 13.11 -19.89
N GLY A 216 11.53 13.75 -20.95
CA GLY A 216 10.34 14.60 -20.89
C GLY A 216 9.07 13.85 -20.57
N GLU A 217 8.91 12.64 -21.10
CA GLU A 217 7.73 11.85 -20.76
C GLU A 217 7.76 11.40 -19.30
N LEU A 218 8.94 11.09 -18.77
CA LEU A 218 9.03 10.67 -17.38
C LEU A 218 8.80 11.85 -16.43
N VAL A 219 9.39 13.01 -16.75
CA VAL A 219 9.22 14.18 -15.91
C VAL A 219 7.75 14.59 -15.86
N ALA A 220 7.01 14.33 -16.95
CA ALA A 220 5.60 14.75 -17.01
C ALA A 220 4.72 14.03 -15.98
N VAL A 221 5.09 12.81 -15.55
CA VAL A 221 4.29 12.08 -14.57
C VAL A 221 4.76 12.30 -13.13
N LEU A 222 5.80 13.11 -12.92
CA LEU A 222 6.21 13.50 -11.57
C LEU A 222 5.35 14.64 -11.04
N SER A 223 5.25 14.73 -9.71
CA SER A 223 4.68 15.92 -9.09
C SER A 223 5.66 17.09 -9.13
N LEU A 224 6.94 16.80 -8.91
CA LEU A 224 8.02 17.78 -9.05
C LEU A 224 8.58 17.71 -10.47
N PRO A 225 8.61 18.83 -11.21
CA PRO A 225 8.89 18.77 -12.65
C PRO A 225 10.37 18.63 -13.02
N HIS A 226 11.06 17.68 -12.38
CA HIS A 226 12.47 17.47 -12.65
C HIS A 226 12.94 16.14 -12.07
N TYR A 227 14.06 15.65 -12.60
CA TYR A 227 14.80 14.55 -12.01
C TYR A 227 15.36 14.96 -10.66
N GLY A 228 15.55 13.97 -9.78
CA GLY A 228 16.26 14.22 -8.55
C GLY A 228 17.77 14.15 -8.74
N GLU A 229 18.49 14.34 -7.64
CA GLU A 229 19.94 14.24 -7.63
C GLU A 229 20.38 13.15 -6.64
N VAL A 230 21.63 12.71 -6.82
CA VAL A 230 22.20 11.64 -5.97
C VAL A 230 22.23 12.06 -4.51
N ARG A 231 22.34 13.37 -4.24
CA ARG A 231 22.27 13.88 -2.87
C ARG A 231 20.92 13.58 -2.22
N ASP A 232 19.85 13.49 -3.02
CA ASP A 232 18.54 13.17 -2.46
C ASP A 232 18.52 11.76 -1.86
N ILE A 233 19.07 10.79 -2.57
CA ILE A 233 19.12 9.44 -2.01
C ILE A 233 20.10 9.39 -0.85
N ALA A 234 21.25 10.06 -0.98
CA ALA A 234 22.27 10.01 0.07
C ALA A 234 21.76 10.61 1.38
N GLY A 235 20.94 11.66 1.30
CA GLY A 235 20.40 12.23 2.53
C GLY A 235 19.40 11.33 3.20
N MET A 236 18.56 10.64 2.41
CA MET A 236 17.61 9.70 3.00
C MET A 236 18.34 8.54 3.67
N VAL A 237 19.40 8.02 3.03
CA VAL A 237 20.18 6.94 3.64
C VAL A 237 20.88 7.43 4.91
N ALA A 238 21.40 8.66 4.89
CA ALA A 238 22.05 9.20 6.09
C ALA A 238 21.06 9.38 7.24
N PHE A 239 19.83 9.75 6.92
CA PHE A 239 18.81 9.88 7.97
C PHE A 239 18.53 8.53 8.62
N LEU A 240 18.31 7.50 7.79
CA LEU A 240 18.02 6.17 8.30
C LEU A 240 19.23 5.58 9.02
N ALA A 241 20.44 5.90 8.57
CA ALA A 241 21.63 5.40 9.24
C ALA A 241 21.85 6.05 10.60
N GLY A 242 21.36 7.28 10.78
CA GLY A 242 21.69 8.06 11.94
C GLY A 242 20.76 7.91 13.14
N PRO A 243 21.01 8.74 14.15
CA PRO A 243 20.18 8.72 15.38
C PRO A 243 18.69 8.98 15.16
N ASP A 244 18.34 9.80 14.18
CA ASP A 244 16.92 10.11 13.95
C ASP A 244 16.15 8.94 13.33
N GLY A 245 16.84 7.95 12.77
CA GLY A 245 16.21 6.78 12.18
C GLY A 245 16.05 5.59 13.10
N ARG A 246 16.31 5.76 14.41
CA ARG A 246 16.38 4.61 15.31
C ARG A 246 15.02 3.92 15.48
N TYR A 247 13.93 4.65 15.25
CA TYR A 247 12.59 4.09 15.41
C TYR A 247 11.88 3.83 14.08
N VAL A 248 12.58 3.97 12.96
CA VAL A 248 12.06 3.67 11.62
C VAL A 248 12.53 2.27 11.21
N THR A 249 11.58 1.34 11.04
CA THR A 249 11.96 0.02 10.57
C THR A 249 10.81 -0.67 9.84
N GLY A 250 11.14 -1.44 8.81
CA GLY A 250 10.12 -2.12 8.03
C GLY A 250 9.38 -1.21 7.08
N ALA A 251 9.87 0.01 6.88
CA ALA A 251 9.21 1.03 6.10
C ALA A 251 9.75 1.07 4.67
N SER A 252 8.88 1.51 3.75
CA SER A 252 9.27 1.84 2.37
C SER A 252 9.25 3.35 2.21
N LEU A 253 10.39 3.95 1.90
CA LEU A 253 10.50 5.41 1.85
C LEU A 253 10.82 5.86 0.44
N ALA A 254 9.81 6.40 -0.24
CA ALA A 254 9.99 6.96 -1.57
C ALA A 254 10.74 8.28 -1.52
N VAL A 255 11.67 8.46 -2.44
CA VAL A 255 12.33 9.74 -2.73
C VAL A 255 12.21 9.88 -4.25
N ASP A 256 10.98 10.06 -4.74
CA ASP A 256 10.65 9.85 -6.13
C ASP A 256 10.06 11.09 -6.81
N GLY A 257 10.06 12.24 -6.15
CA GLY A 257 9.48 13.41 -6.77
C GLY A 257 7.98 13.35 -6.94
N GLY A 258 7.30 12.53 -6.14
CA GLY A 258 5.87 12.37 -6.28
C GLY A 258 5.42 11.48 -7.42
N PHE A 259 6.26 10.56 -7.87
CA PHE A 259 5.89 9.66 -8.95
C PHE A 259 4.67 8.81 -8.59
N ALA A 260 4.57 8.38 -7.34
CA ALA A 260 3.47 7.53 -6.90
C ALA A 260 2.24 8.31 -6.44
N ALA A 261 2.34 9.62 -6.23
CA ALA A 261 1.23 10.41 -5.70
C ALA A 261 -0.06 10.31 -6.54
N GLN B 15 -28.70 -16.97 -7.53
CA GLN B 15 -29.61 -17.28 -6.43
C GLN B 15 -28.87 -17.33 -5.10
N ASN B 16 -27.62 -16.88 -5.12
CA ASN B 16 -26.79 -16.89 -3.93
C ASN B 16 -27.34 -15.99 -2.83
N LEU B 17 -28.17 -15.00 -3.17
CA LEU B 17 -28.68 -14.05 -2.21
C LEU B 17 -30.15 -14.31 -1.85
N ASN B 18 -30.63 -15.53 -2.07
CA ASN B 18 -32.00 -15.85 -1.70
C ASN B 18 -32.18 -15.67 -0.20
N GLY B 19 -33.21 -14.92 0.20
CA GLY B 19 -33.51 -14.64 1.59
C GLY B 19 -32.77 -13.47 2.22
N LYS B 20 -31.90 -12.79 1.48
CA LYS B 20 -31.09 -11.70 2.01
C LYS B 20 -31.74 -10.35 1.70
N VAL B 21 -31.55 -9.39 2.60
CA VAL B 21 -32.00 -8.03 2.39
C VAL B 21 -30.76 -7.17 2.14
N ALA B 22 -30.78 -6.41 1.05
CA ALA B 22 -29.70 -5.50 0.69
C ALA B 22 -30.21 -4.06 0.78
N PHE B 23 -29.32 -3.18 1.22
CA PHE B 23 -29.57 -1.74 1.29
C PHE B 23 -28.45 -1.03 0.51
N VAL B 24 -28.83 -0.12 -0.39
CA VAL B 24 -27.89 0.57 -1.26
C VAL B 24 -28.19 2.07 -1.25
N THR B 25 -27.22 2.87 -0.81
CA THR B 25 -27.37 4.31 -0.98
C THR B 25 -27.11 4.74 -2.43
N GLY B 26 -27.89 5.72 -2.89
CA GLY B 26 -27.69 6.24 -4.23
C GLY B 26 -27.94 5.20 -5.30
N GLY B 27 -28.94 4.35 -5.09
CA GLY B 27 -29.21 3.27 -5.99
C GLY B 27 -30.07 3.59 -7.19
N SER B 28 -30.52 4.81 -7.35
CA SER B 28 -31.33 5.16 -8.50
C SER B 28 -30.70 5.22 -9.85
N ARG B 29 -29.43 5.37 -9.91
CA ARG B 29 -28.79 5.54 -11.15
C ARG B 29 -27.31 5.21 -11.16
N GLY B 30 -26.73 5.14 -12.34
CA GLY B 30 -25.35 4.88 -12.52
C GLY B 30 -24.89 3.59 -11.93
N ILE B 31 -23.84 3.69 -11.19
CA ILE B 31 -23.27 2.52 -10.54
C ILE B 31 -24.23 1.92 -9.52
N GLY B 32 -24.96 2.78 -8.80
CA GLY B 32 -25.87 2.28 -7.79
C GLY B 32 -27.06 1.53 -8.37
N ALA B 33 -27.56 2.00 -9.53
CA ALA B 33 -28.64 1.28 -10.20
C ALA B 33 -28.17 -0.08 -10.70
N ALA B 34 -26.92 -0.16 -11.22
CA ALA B 34 -26.43 -1.47 -11.65
C ALA B 34 -26.26 -2.41 -10.45
N ILE B 35 -25.90 -1.86 -9.29
CA ILE B 35 -25.75 -2.69 -8.10
C ILE B 35 -27.10 -3.20 -7.62
N VAL B 36 -28.13 -2.34 -7.60
CA VAL B 36 -29.44 -2.80 -7.16
C VAL B 36 -30.01 -3.84 -8.13
N ARG B 37 -29.82 -3.64 -9.44
CA ARG B 37 -30.31 -4.62 -10.41
C ARG B 37 -29.58 -5.95 -10.28
N ARG B 38 -28.25 -5.91 -10.09
CA ARG B 38 -27.48 -7.15 -9.95
C ARG B 38 -27.81 -7.89 -8.66
N LEU B 39 -27.88 -7.17 -7.54
CA LEU B 39 -28.23 -7.85 -6.29
C LEU B 39 -29.65 -8.42 -6.35
N ALA B 40 -30.57 -7.72 -7.02
CA ALA B 40 -31.92 -8.28 -7.16
C ALA B 40 -31.92 -9.52 -8.03
N ALA B 41 -31.12 -9.51 -9.10
CA ALA B 41 -31.07 -10.65 -10.00
C ALA B 41 -30.50 -11.88 -9.29
N ASP B 42 -29.67 -11.66 -8.27
CA ASP B 42 -29.16 -12.73 -7.43
C ASP B 42 -30.11 -13.10 -6.32
N GLY B 43 -31.31 -12.49 -6.28
CA GLY B 43 -32.39 -12.90 -5.39
C GLY B 43 -32.55 -12.11 -4.11
N ALA B 44 -31.75 -11.06 -3.88
CA ALA B 44 -31.94 -10.27 -2.68
C ALA B 44 -33.18 -9.39 -2.81
N ASP B 45 -33.89 -9.21 -1.69
CA ASP B 45 -34.77 -8.07 -1.53
C ASP B 45 -33.92 -6.81 -1.32
N ILE B 46 -34.38 -5.68 -1.87
CA ILE B 46 -33.54 -4.50 -1.96
C ILE B 46 -34.31 -3.25 -1.52
N ALA B 47 -33.70 -2.46 -0.66
CA ALA B 47 -34.08 -1.07 -0.42
C ALA B 47 -32.96 -0.17 -0.92
N PHE B 48 -33.32 0.95 -1.53
CA PHE B 48 -32.28 1.89 -1.97
C PHE B 48 -32.78 3.30 -1.77
N THR B 49 -31.83 4.23 -1.63
CA THR B 49 -32.13 5.63 -1.45
C THR B 49 -31.88 6.43 -2.73
N TYR B 50 -32.57 7.57 -2.84
CA TYR B 50 -32.26 8.57 -3.84
C TYR B 50 -32.17 9.93 -3.14
N VAL B 51 -31.22 10.76 -3.58
CA VAL B 51 -30.88 11.98 -2.87
C VAL B 51 -31.81 13.12 -3.29
N SER B 52 -31.88 13.40 -4.59
CA SER B 52 -32.72 14.46 -5.10
C SER B 52 -34.18 14.02 -5.21
N ALA B 53 -35.09 14.98 -4.98
CA ALA B 53 -36.51 14.72 -5.21
C ALA B 53 -36.82 14.54 -6.69
N SER B 54 -35.97 15.10 -7.56
CA SER B 54 -36.12 14.92 -9.01
C SER B 54 -35.92 13.48 -9.46
N SER B 55 -35.20 12.67 -8.68
CA SER B 55 -34.99 11.26 -8.99
C SER B 55 -36.17 10.38 -8.57
N LYS B 56 -37.23 10.96 -8.00
CA LYS B 56 -38.36 10.17 -7.51
C LYS B 56 -38.92 9.25 -8.58
N ASN B 57 -39.14 9.78 -9.78
CA ASN B 57 -39.78 9.00 -10.84
C ASN B 57 -38.89 7.84 -11.28
N VAL B 58 -37.59 8.10 -11.45
CA VAL B 58 -36.71 7.04 -11.88
C VAL B 58 -36.62 5.95 -10.83
N ALA B 59 -36.53 6.35 -9.55
CA ALA B 59 -36.43 5.36 -8.49
C ALA B 59 -37.69 4.52 -8.37
N THR B 60 -38.88 5.15 -8.45
CA THR B 60 -40.10 4.36 -8.36
C THR B 60 -40.23 3.42 -9.56
N ALA B 61 -39.81 3.88 -10.75
CA ALA B 61 -39.85 3.02 -11.91
C ALA B 61 -38.93 1.81 -11.74
N LEU B 62 -37.75 2.02 -11.14
CA LEU B 62 -36.84 0.90 -10.89
C LEU B 62 -37.46 -0.08 -9.90
N VAL B 63 -38.22 0.43 -8.91
CA VAL B 63 -38.90 -0.46 -7.98
C VAL B 63 -39.93 -1.30 -8.72
N GLN B 64 -40.67 -0.68 -9.64
CA GLN B 64 -41.65 -1.42 -10.42
C GLN B 64 -40.98 -2.50 -11.27
N GLU B 65 -39.84 -2.19 -11.83
CA GLU B 65 -39.08 -3.14 -12.60
C GLU B 65 -38.67 -4.36 -11.77
N LEU B 66 -38.24 -4.19 -10.52
CA LEU B 66 -37.89 -5.27 -9.64
C LEU B 66 -39.01 -6.16 -9.18
N GLU B 67 -40.11 -5.55 -8.88
CA GLU B 67 -41.28 -6.21 -8.48
C GLU B 67 -41.87 -7.05 -9.55
N ALA B 68 -41.83 -6.60 -10.77
CA ALA B 68 -42.37 -7.32 -11.86
C ALA B 68 -41.63 -8.60 -12.08
N LYS B 69 -40.50 -8.72 -11.45
CA LYS B 69 -39.62 -9.86 -11.66
C LYS B 69 -39.58 -10.73 -10.41
N GLY B 70 -40.53 -10.54 -9.50
CA GLY B 70 -40.64 -11.32 -8.28
C GLY B 70 -39.85 -10.83 -7.09
N ARG B 71 -39.19 -9.68 -7.15
CA ARG B 71 -38.39 -9.17 -6.03
C ARG B 71 -39.17 -8.16 -5.21
N ARG B 72 -38.97 -8.18 -3.88
CA ARG B 72 -39.44 -7.10 -3.03
C ARG B 72 -38.45 -5.94 -3.11
N ALA B 73 -38.98 -4.72 -3.21
CA ALA B 73 -38.10 -3.56 -3.37
C ALA B 73 -38.80 -2.31 -2.85
N ARG B 74 -38.00 -1.38 -2.36
CA ARG B 74 -38.48 -0.09 -1.87
C ARG B 74 -37.47 1.00 -2.22
N ALA B 75 -37.98 2.18 -2.55
CA ALA B 75 -37.19 3.38 -2.80
C ALA B 75 -37.52 4.40 -1.73
N ILE B 76 -36.48 4.97 -1.12
CA ILE B 76 -36.63 5.89 0.01
C ILE B 76 -35.87 7.15 -0.30
N GLN B 77 -36.55 8.30 -0.28
CA GLN B 77 -35.85 9.56 -0.44
C GLN B 77 -34.99 9.83 0.79
N ALA B 78 -33.73 10.24 0.56
CA ALA B 78 -32.82 10.57 1.64
C ALA B 78 -31.60 11.33 1.13
N ASP B 79 -31.49 12.60 1.50
CA ASP B 79 -30.28 13.35 1.23
C ASP B 79 -29.14 12.79 2.05
N SER B 80 -27.99 12.57 1.40
CA SER B 80 -26.83 12.06 2.12
C SER B 80 -26.27 13.09 3.08
N ALA B 81 -26.47 14.38 2.78
CA ALA B 81 -25.99 15.44 3.67
C ALA B 81 -26.72 15.47 5.00
N ASP B 82 -27.93 14.93 5.07
CA ASP B 82 -28.67 14.96 6.32
C ASP B 82 -28.53 13.59 6.97
N PRO B 83 -27.76 13.46 8.05
CA PRO B 83 -27.62 12.16 8.73
C PRO B 83 -28.92 11.57 9.23
N ALA B 84 -29.87 12.41 9.66
CA ALA B 84 -31.14 11.90 10.17
C ALA B 84 -31.93 11.20 9.07
N GLN B 85 -31.85 11.70 7.82
CA GLN B 85 -32.55 11.05 6.72
C GLN B 85 -31.89 9.72 6.36
N VAL B 86 -30.56 9.65 6.40
CA VAL B 86 -29.85 8.40 6.12
C VAL B 86 -30.26 7.36 7.14
N ARG B 87 -30.23 7.73 8.41
CA ARG B 87 -30.54 6.82 9.49
C ARG B 87 -31.99 6.37 9.43
N GLN B 88 -32.91 7.31 9.18
CA GLN B 88 -34.33 6.96 9.11
C GLN B 88 -34.65 6.06 7.92
N ALA B 89 -33.90 6.21 6.82
CA ALA B 89 -34.10 5.31 5.68
C ALA B 89 -33.69 3.89 6.02
N VAL B 90 -32.58 3.72 6.76
CA VAL B 90 -32.18 2.39 7.16
C VAL B 90 -33.22 1.78 8.09
N GLU B 91 -33.72 2.57 9.04
CA GLU B 91 -34.73 2.07 9.97
C GLU B 91 -36.01 1.69 9.24
N GLN B 92 -36.42 2.48 8.26
CA GLN B 92 -37.62 2.16 7.51
C GLN B 92 -37.43 0.90 6.69
N ALA B 93 -36.27 0.68 6.13
CA ALA B 93 -36.03 -0.54 5.43
C ALA B 93 -36.07 -1.77 6.32
N ILE B 94 -35.57 -1.68 7.52
CA ILE B 94 -35.57 -2.76 8.45
C ILE B 94 -36.97 -3.17 8.80
N VAL B 95 -37.85 -2.22 9.00
CA VAL B 95 -39.21 -2.56 9.28
C VAL B 95 -39.92 -3.17 8.10
N GLN B 96 -39.73 -2.64 6.95
CA GLN B 96 -40.50 -3.07 5.78
C GLN B 96 -39.93 -4.33 5.14
N LEU B 97 -38.61 -4.49 5.11
CA LEU B 97 -38.01 -5.66 4.47
C LEU B 97 -37.34 -6.62 5.44
N GLY B 98 -36.91 -6.17 6.58
CA GLY B 98 -36.18 -6.97 7.51
C GLY B 98 -34.75 -6.46 7.68
N PRO B 99 -34.05 -7.03 8.64
CA PRO B 99 -32.67 -6.68 8.91
C PRO B 99 -31.79 -6.88 7.70
N VAL B 100 -30.98 -5.89 7.51
CA VAL B 100 -30.10 -5.82 6.39
C VAL B 100 -28.99 -6.79 6.43
N ASP B 101 -28.83 -7.60 5.40
CA ASP B 101 -27.66 -8.45 5.39
C ASP B 101 -26.51 -7.82 4.64
N VAL B 102 -26.81 -7.03 3.61
CA VAL B 102 -25.80 -6.46 2.73
C VAL B 102 -26.03 -4.96 2.65
N LEU B 103 -25.12 -4.17 3.20
CA LEU B 103 -25.15 -2.72 3.09
C LEU B 103 -24.12 -2.27 2.07
N VAL B 104 -24.56 -1.49 1.09
CA VAL B 104 -23.68 -0.94 0.06
C VAL B 104 -23.77 0.59 0.13
N ASN B 105 -22.68 1.22 0.59
CA ASN B 105 -22.54 2.69 0.63
C ASN B 105 -21.98 3.15 -0.71
N ASN B 106 -22.89 3.50 -1.63
CA ASN B 106 -22.49 3.89 -2.98
C ASN B 106 -22.57 5.39 -3.19
N ALA B 107 -23.46 6.10 -2.50
CA ALA B 107 -23.66 7.51 -2.77
C ALA B 107 -22.42 8.33 -2.42
N GLY B 108 -22.12 9.30 -3.28
CA GLY B 108 -20.99 10.19 -3.09
C GLY B 108 -21.04 11.32 -4.09
N ILE B 109 -20.17 12.31 -3.87
CA ILE B 109 -20.10 13.48 -4.74
C ILE B 109 -18.66 13.76 -5.08
N PHE B 110 -18.45 14.29 -6.28
CA PHE B 110 -17.14 14.56 -6.85
C PHE B 110 -17.01 16.07 -7.01
N LEU B 111 -16.45 16.73 -6.01
CA LEU B 111 -16.17 18.17 -6.07
C LEU B 111 -14.69 18.33 -6.34
N ALA B 112 -14.36 18.77 -7.56
CA ALA B 112 -12.98 18.86 -8.02
C ALA B 112 -12.71 20.27 -8.53
N GLY B 113 -11.44 20.63 -8.56
CA GLY B 113 -11.03 21.92 -9.07
C GLY B 113 -9.71 22.38 -8.48
N PRO B 114 -9.25 23.57 -8.89
CA PRO B 114 -7.97 24.07 -8.38
C PRO B 114 -8.00 24.25 -6.88
N LEU B 115 -6.84 23.98 -6.26
CA LEU B 115 -6.77 23.95 -4.81
C LEU B 115 -7.13 25.30 -4.20
N GLY B 116 -6.81 26.39 -4.89
CA GLY B 116 -7.10 27.72 -4.35
C GLY B 116 -8.55 28.13 -4.43
N GLU B 117 -9.37 27.43 -5.23
CA GLU B 117 -10.78 27.71 -5.38
C GLU B 117 -11.68 26.86 -4.48
N VAL B 118 -11.12 25.92 -3.71
CA VAL B 118 -11.94 25.12 -2.81
C VAL B 118 -12.45 25.97 -1.65
N THR B 119 -13.67 25.74 -1.29
CA THR B 119 -14.29 26.45 -0.23
C THR B 119 -14.60 25.54 0.88
N LEU B 120 -14.89 26.14 2.01
CA LEU B 120 -15.27 25.45 3.23
C LEU B 120 -16.58 24.74 3.03
N ASP B 121 -17.47 25.32 2.26
CA ASP B 121 -18.66 24.68 1.83
C ASP B 121 -18.34 23.45 0.98
N ASP B 122 -17.38 23.53 0.10
CA ASP B 122 -17.01 22.35 -0.67
C ASP B 122 -16.51 21.26 0.26
N TYR B 123 -15.69 21.64 1.25
CA TYR B 123 -15.21 20.66 2.22
C TYR B 123 -16.36 20.05 3.01
N GLU B 124 -17.31 20.87 3.46
CA GLU B 124 -18.38 20.36 4.31
C GLU B 124 -19.27 19.38 3.55
N ARG B 125 -19.64 19.72 2.31
CA ARG B 125 -20.51 18.86 1.51
C ARG B 125 -19.80 17.57 1.12
N THR B 126 -18.54 17.66 0.74
CA THR B 126 -17.80 16.47 0.35
C THR B 126 -17.68 15.51 1.52
N MET B 127 -17.33 16.02 2.70
CA MET B 127 -17.13 15.13 3.84
C MET B 127 -18.45 14.61 4.41
N ASN B 128 -19.51 15.45 4.42
CA ASN B 128 -20.79 14.99 4.95
C ASN B 128 -21.38 13.89 4.08
N ILE B 129 -21.22 14.00 2.76
CA ILE B 129 -21.80 13.00 1.87
C ILE B 129 -20.90 11.78 1.75
N ASN B 130 -19.60 11.98 1.51
CA ASN B 130 -18.72 10.84 1.24
C ASN B 130 -18.27 10.08 2.48
N VAL B 131 -18.34 10.69 3.67
CA VAL B 131 -17.75 10.05 4.84
C VAL B 131 -18.79 9.86 5.95
N ARG B 132 -19.43 10.95 6.37
CA ARG B 132 -20.41 10.86 7.45
C ARG B 132 -21.59 9.99 7.04
N ALA B 133 -22.10 10.17 5.82
CA ALA B 133 -23.25 9.37 5.39
C ALA B 133 -22.98 7.87 5.43
N PRO B 134 -21.86 7.35 4.86
CA PRO B 134 -21.61 5.91 5.02
C PRO B 134 -21.49 5.48 6.48
N PHE B 135 -20.91 6.32 7.33
CA PHE B 135 -20.76 5.95 8.73
C PHE B 135 -22.11 5.91 9.43
N VAL B 136 -23.00 6.84 9.10
CA VAL B 136 -24.32 6.84 9.72
C VAL B 136 -25.13 5.63 9.24
N ALA B 137 -25.05 5.32 7.95
CA ALA B 137 -25.78 4.16 7.44
C ALA B 137 -25.29 2.87 8.08
N ILE B 138 -23.99 2.78 8.32
CA ILE B 138 -23.42 1.59 8.95
C ILE B 138 -23.85 1.49 10.40
N GLN B 139 -23.86 2.61 11.11
CA GLN B 139 -24.23 2.59 12.52
C GLN B 139 -25.68 2.17 12.71
N ALA B 140 -26.56 2.56 11.78
CA ALA B 140 -27.97 2.18 11.89
C ALA B 140 -28.17 0.71 11.53
N ALA B 141 -27.42 0.20 10.55
CA ALA B 141 -27.61 -1.17 10.10
C ALA B 141 -26.91 -2.20 10.99
N GLN B 142 -25.80 -1.83 11.63
CA GLN B 142 -24.92 -2.83 12.21
C GLN B 142 -25.53 -3.56 13.41
N ALA B 143 -26.37 -2.89 14.21
CA ALA B 143 -26.85 -3.52 15.43
C ALA B 143 -27.75 -4.72 15.15
N SER B 144 -28.63 -4.61 14.17
CA SER B 144 -29.50 -5.73 13.83
C SER B 144 -28.92 -6.62 12.74
N MET B 145 -27.73 -6.31 12.22
CA MET B 145 -27.19 -7.05 11.10
C MET B 145 -26.93 -8.50 11.51
N PRO B 146 -27.49 -9.47 10.78
CA PRO B 146 -27.27 -10.88 11.13
C PRO B 146 -25.83 -11.31 10.88
N ASP B 147 -25.44 -12.37 11.59
CA ASP B 147 -24.10 -12.93 11.43
C ASP B 147 -23.87 -13.30 9.98
N GLY B 148 -22.65 -13.08 9.51
CA GLY B 148 -22.36 -13.31 8.11
C GLY B 148 -22.78 -12.20 7.17
N GLY B 149 -23.12 -11.02 7.68
CA GLY B 149 -23.51 -9.89 6.85
C GLY B 149 -22.32 -9.25 6.14
N ARG B 150 -22.63 -8.34 5.21
CA ARG B 150 -21.63 -7.72 4.35
C ARG B 150 -21.77 -6.21 4.36
N ILE B 151 -20.65 -5.52 4.57
CA ILE B 151 -20.58 -4.07 4.42
C ILE B 151 -19.62 -3.78 3.28
N ILE B 152 -20.10 -3.05 2.28
CA ILE B 152 -19.35 -2.81 1.05
C ILE B 152 -19.38 -1.32 0.77
N ASN B 153 -18.28 -0.63 1.06
CA ASN B 153 -18.14 0.77 0.71
C ASN B 153 -17.60 0.95 -0.70
N ILE B 154 -18.08 1.98 -1.37
CA ILE B 154 -17.61 2.33 -2.69
C ILE B 154 -16.65 3.51 -2.56
N GLY B 155 -15.41 3.30 -2.97
CA GLY B 155 -14.38 4.30 -2.87
C GLY B 155 -14.06 4.94 -4.20
N SER B 156 -12.79 5.02 -4.52
CA SER B 156 -12.34 5.55 -5.80
C SER B 156 -10.90 5.14 -6.00
N CYS B 157 -10.49 5.00 -7.26
CA CYS B 157 -9.06 4.78 -7.51
C CYS B 157 -8.25 5.98 -7.04
N LEU B 158 -8.88 7.16 -6.98
CA LEU B 158 -8.21 8.36 -6.50
C LEU B 158 -7.92 8.31 -5.01
N ALA B 159 -8.59 7.44 -4.26
CA ALA B 159 -8.24 7.30 -2.84
C ALA B 159 -6.81 6.79 -2.66
N GLU B 160 -6.33 5.92 -3.55
CA GLU B 160 -4.99 5.33 -3.45
C GLU B 160 -3.94 6.07 -4.27
N ARG B 161 -4.34 6.69 -5.38
CA ARG B 161 -3.41 7.42 -6.23
C ARG B 161 -4.16 8.64 -6.74
N ALA B 162 -3.65 9.83 -6.40
CA ALA B 162 -4.26 11.05 -6.88
C ALA B 162 -3.98 11.26 -8.37
N GLY B 163 -2.74 11.07 -8.79
CA GLY B 163 -2.35 11.13 -10.20
C GLY B 163 -2.35 12.47 -10.90
N ARG B 164 -3.22 13.41 -10.52
CA ARG B 164 -3.23 14.71 -11.18
C ARG B 164 -3.64 15.77 -10.17
N ALA B 165 -3.36 17.03 -10.50
CA ALA B 165 -3.81 18.12 -9.66
C ALA B 165 -5.33 18.31 -9.76
N GLY B 166 -5.92 18.81 -8.67
CA GLY B 166 -7.31 19.18 -8.65
C GLY B 166 -8.29 18.23 -8.01
N VAL B 167 -7.84 17.14 -7.37
CA VAL B 167 -8.77 16.20 -6.74
C VAL B 167 -8.48 15.96 -5.25
N THR B 168 -7.87 16.91 -4.63
CA THR B 168 -7.45 16.77 -3.29
C THR B 168 -8.51 16.50 -2.26
N LEU B 169 -9.58 17.22 -2.30
CA LEU B 169 -10.63 17.01 -1.41
C LEU B 169 -11.36 15.69 -1.59
N TYR B 170 -11.65 15.33 -2.81
CA TYR B 170 -12.32 14.07 -3.10
C TYR B 170 -11.43 12.89 -2.72
N ALA B 171 -10.13 12.98 -3.00
CA ALA B 171 -9.22 11.90 -2.64
C ALA B 171 -9.13 11.72 -1.13
N ALA B 172 -9.20 12.83 -0.38
CA ALA B 172 -9.19 12.74 1.08
C ALA B 172 -10.42 12.03 1.62
N SER B 173 -11.61 12.42 1.14
CA SER B 173 -12.83 11.81 1.65
C SER B 173 -12.88 10.34 1.34
N LYS B 174 -12.40 9.95 0.15
CA LYS B 174 -12.43 8.54 -0.21
C LYS B 174 -11.39 7.73 0.55
N SER B 175 -10.20 8.30 0.77
CA SER B 175 -9.19 7.58 1.53
C SER B 175 -9.59 7.44 2.99
N ALA B 176 -10.48 8.29 3.49
CA ALA B 176 -11.04 8.09 4.81
C ALA B 176 -11.77 6.76 4.91
N LEU B 177 -12.38 6.32 3.80
CA LEU B 177 -13.07 5.02 3.77
C LEU B 177 -12.08 3.87 3.96
N LEU B 178 -10.83 4.05 3.57
CA LEU B 178 -9.85 2.97 3.72
C LEU B 178 -9.69 2.59 5.18
N GLY B 179 -9.44 3.57 6.04
CA GLY B 179 -9.29 3.30 7.47
C GLY B 179 -10.61 2.95 8.15
N MET B 180 -11.70 3.57 7.71
CA MET B 180 -12.98 3.23 8.30
C MET B 180 -13.28 1.77 8.03
N THR B 181 -12.99 1.32 6.81
CA THR B 181 -13.32 -0.04 6.44
C THR B 181 -12.46 -1.03 7.20
N ARG B 182 -11.16 -0.74 7.35
CA ARG B 182 -10.28 -1.65 8.10
C ARG B 182 -10.69 -1.74 9.57
N GLY B 183 -11.08 -0.61 10.16
CA GLY B 183 -11.57 -0.66 11.54
C GLY B 183 -12.89 -1.40 11.66
N LEU B 184 -13.76 -1.26 10.65
CA LEU B 184 -15.02 -1.99 10.69
C LEU B 184 -14.78 -3.49 10.62
N ALA B 185 -13.77 -3.92 9.86
CA ALA B 185 -13.46 -5.34 9.76
C ALA B 185 -13.05 -5.90 11.12
N ARG B 186 -12.27 -5.13 11.88
CA ARG B 186 -11.93 -5.53 13.23
C ARG B 186 -13.14 -5.42 14.15
N ASP B 187 -13.94 -4.36 13.98
CA ASP B 187 -15.07 -4.18 14.89
C ASP B 187 -16.11 -5.29 14.75
N LEU B 188 -16.33 -5.80 13.55
CA LEU B 188 -17.46 -6.71 13.31
C LEU B 188 -17.07 -8.13 12.92
N GLY B 189 -15.77 -8.45 12.87
CA GLY B 189 -15.36 -9.77 12.42
C GLY B 189 -15.82 -10.90 13.31
N ALA B 190 -15.94 -10.66 14.62
CA ALA B 190 -16.34 -11.71 15.54
C ALA B 190 -17.74 -12.23 15.24
N ARG B 191 -18.60 -11.39 14.65
CA ARG B 191 -19.92 -11.81 14.21
C ARG B 191 -19.91 -12.39 12.80
N GLY B 192 -18.75 -12.48 12.14
CA GLY B 192 -18.72 -12.99 10.77
C GLY B 192 -19.05 -11.98 9.71
N ILE B 193 -19.21 -10.72 10.09
CA ILE B 193 -19.51 -9.66 9.15
C ILE B 193 -18.21 -9.21 8.49
N THR B 194 -18.22 -9.12 7.16
CA THR B 194 -17.08 -8.62 6.42
C THR B 194 -17.31 -7.16 6.09
N ALA B 195 -16.21 -6.43 5.91
CA ALA B 195 -16.25 -5.02 5.53
C ALA B 195 -15.17 -4.77 4.50
N ASN B 196 -15.56 -4.31 3.31
CA ASN B 196 -14.60 -4.12 2.22
C ASN B 196 -14.90 -2.83 1.49
N VAL B 197 -13.91 -2.32 0.74
CA VAL B 197 -14.10 -1.16 -0.11
C VAL B 197 -13.68 -1.48 -1.54
N VAL B 198 -14.55 -1.15 -2.51
CA VAL B 198 -14.33 -1.33 -3.94
C VAL B 198 -13.97 0.03 -4.53
N HIS B 199 -12.93 0.05 -5.37
CA HIS B 199 -12.40 1.30 -5.94
C HIS B 199 -12.62 1.32 -7.43
N PRO B 200 -13.67 1.98 -7.92
CA PRO B 200 -13.83 2.12 -9.37
C PRO B 200 -12.72 2.97 -9.98
N GLY B 201 -12.32 2.59 -11.20
CA GLY B 201 -11.53 3.42 -12.07
C GLY B 201 -12.52 4.23 -12.90
N PRO B 202 -12.11 4.71 -14.07
CA PRO B 202 -13.10 5.37 -14.94
C PRO B 202 -14.21 4.39 -15.32
N ILE B 203 -15.45 4.84 -15.17
CA ILE B 203 -16.63 4.03 -15.45
C ILE B 203 -17.56 4.88 -16.28
N ASP B 204 -18.16 4.28 -17.32
CA ASP B 204 -19.05 4.98 -18.22
C ASP B 204 -20.42 5.15 -17.55
N THR B 205 -20.73 6.38 -17.11
CA THR B 205 -22.01 6.75 -16.49
C THR B 205 -22.47 8.06 -17.13
N ASP B 206 -23.66 8.51 -16.74
CA ASP B 206 -24.16 9.79 -17.24
C ASP B 206 -23.32 10.97 -16.77
N MET B 207 -22.86 10.93 -15.51
CA MET B 207 -22.06 12.01 -14.95
C MET B 207 -20.62 12.01 -15.46
N ASN B 208 -20.12 10.84 -15.88
CA ASN B 208 -18.74 10.69 -16.35
C ASN B 208 -18.77 9.96 -17.68
N PRO B 209 -19.15 10.65 -18.75
CA PRO B 209 -19.26 9.98 -20.06
C PRO B 209 -17.90 9.46 -20.52
N ALA B 210 -17.93 8.29 -21.17
CA ALA B 210 -16.70 7.75 -21.74
C ALA B 210 -16.25 8.50 -22.99
N ASP B 211 -17.16 9.21 -23.68
CA ASP B 211 -16.77 10.04 -24.81
C ASP B 211 -16.57 11.51 -24.41
N GLY B 212 -16.63 11.82 -23.12
CA GLY B 212 -16.55 13.20 -22.69
C GLY B 212 -15.15 13.75 -22.82
N GLU B 213 -15.03 15.07 -22.76
CA GLU B 213 -13.72 15.70 -22.85
C GLU B 213 -12.86 15.25 -21.67
N ARG B 214 -11.56 15.13 -21.90
CA ARG B 214 -10.53 14.67 -20.97
C ARG B 214 -10.55 13.14 -20.87
N SER B 215 -11.49 12.44 -21.51
CA SER B 215 -11.53 10.98 -21.39
C SER B 215 -10.27 10.35 -21.96
N GLY B 216 -9.70 10.96 -23.00
CA GLY B 216 -8.50 10.41 -23.61
C GLY B 216 -7.31 10.52 -22.70
N GLU B 217 -7.28 11.59 -21.92
CA GLU B 217 -6.24 11.81 -20.96
C GLU B 217 -6.22 10.68 -19.95
N LEU B 218 -7.35 10.33 -19.38
CA LEU B 218 -7.44 9.23 -18.47
C LEU B 218 -7.21 7.87 -19.09
N VAL B 219 -7.78 7.61 -20.24
CA VAL B 219 -7.65 6.33 -20.84
C VAL B 219 -6.21 6.00 -21.08
N ALA B 220 -5.44 7.03 -21.45
CA ALA B 220 -4.03 6.86 -21.79
C ALA B 220 -3.21 6.32 -20.62
N VAL B 221 -3.64 6.56 -19.38
CA VAL B 221 -2.90 6.10 -18.22
C VAL B 221 -3.39 4.75 -17.69
N LEU B 222 -4.41 4.17 -18.30
CA LEU B 222 -4.93 2.86 -17.93
C LEU B 222 -4.09 1.73 -18.54
N SER B 223 -4.14 0.56 -17.90
CA SER B 223 -3.59 -0.64 -18.53
C SER B 223 -4.52 -1.19 -19.61
N LEU B 224 -5.83 -1.16 -19.34
CA LEU B 224 -6.82 -1.47 -20.37
C LEU B 224 -7.26 -0.16 -21.03
N PRO B 225 -7.07 0.01 -22.31
CA PRO B 225 -7.28 1.31 -22.96
C PRO B 225 -8.75 1.66 -23.22
N HIS B 226 -9.57 1.58 -22.17
CA HIS B 226 -10.98 1.97 -22.27
C HIS B 226 -11.53 2.18 -20.86
N TYR B 227 -12.64 2.91 -20.80
CA TYR B 227 -13.43 2.99 -19.57
C TYR B 227 -14.07 1.65 -19.26
N GLY B 228 -14.32 1.41 -17.98
CA GLY B 228 -15.11 0.27 -17.57
C GLY B 228 -16.61 0.55 -17.68
N GLU B 229 -17.41 -0.44 -17.30
CA GLU B 229 -18.85 -0.29 -17.28
C GLU B 229 -19.40 -0.51 -15.87
N VAL B 230 -20.63 -0.04 -15.65
CA VAL B 230 -21.24 -0.12 -14.31
C VAL B 230 -21.40 -1.56 -13.87
N ARG B 231 -21.60 -2.48 -14.83
CA ARG B 231 -21.71 -3.90 -14.49
C ARG B 231 -20.43 -4.44 -13.89
N ASP B 232 -19.26 -3.87 -14.25
CA ASP B 232 -18.01 -4.31 -13.63
C ASP B 232 -18.00 -4.03 -12.14
N ILE B 233 -18.50 -2.87 -11.73
CA ILE B 233 -18.59 -2.57 -10.31
C ILE B 233 -19.63 -3.47 -9.66
N ALA B 234 -20.77 -3.67 -10.33
CA ALA B 234 -21.84 -4.50 -9.76
C ALA B 234 -21.42 -5.94 -9.58
N GLY B 235 -20.59 -6.47 -10.49
CA GLY B 235 -20.14 -7.84 -10.34
C GLY B 235 -19.20 -8.01 -9.16
N MET B 236 -18.35 -7.01 -8.91
CA MET B 236 -17.48 -7.06 -7.74
C MET B 236 -18.28 -7.00 -6.45
N VAL B 237 -19.30 -6.13 -6.40
CA VAL B 237 -20.14 -6.04 -5.22
C VAL B 237 -20.92 -7.35 -5.02
N ALA B 238 -21.42 -7.93 -6.11
CA ALA B 238 -22.14 -9.19 -5.98
C ALA B 238 -21.23 -10.31 -5.48
N PHE B 239 -19.96 -10.31 -5.91
CA PHE B 239 -19.03 -11.33 -5.42
C PHE B 239 -18.83 -11.17 -3.92
N LEU B 240 -18.61 -9.94 -3.46
CA LEU B 240 -18.39 -9.71 -2.03
C LEU B 240 -19.64 -10.00 -1.21
N ALA B 241 -20.83 -9.76 -1.77
CA ALA B 241 -22.08 -10.01 -1.05
C ALA B 241 -22.35 -11.50 -0.89
N GLY B 242 -21.85 -12.32 -1.82
CA GLY B 242 -22.23 -13.71 -1.90
C GLY B 242 -21.36 -14.67 -1.10
N PRO B 243 -21.61 -15.96 -1.31
CA PRO B 243 -20.85 -17.01 -0.59
C PRO B 243 -19.35 -16.97 -0.85
N ASP B 244 -18.94 -16.54 -2.04
CA ASP B 244 -17.52 -16.52 -2.38
C ASP B 244 -16.75 -15.40 -1.67
N GLY B 245 -17.45 -14.41 -1.10
CA GLY B 245 -16.86 -13.30 -0.38
C GLY B 245 -16.73 -13.50 1.12
N ARG B 246 -16.98 -14.72 1.59
CA ARG B 246 -17.13 -15.01 3.00
C ARG B 246 -15.84 -14.77 3.79
N TYR B 247 -14.68 -14.98 3.16
CA TYR B 247 -13.40 -14.85 3.84
C TYR B 247 -12.61 -13.61 3.41
N VAL B 248 -13.23 -12.72 2.63
CA VAL B 248 -12.62 -11.45 2.21
C VAL B 248 -13.14 -10.34 3.13
N THR B 249 -12.24 -9.73 3.91
CA THR B 249 -12.66 -8.64 4.79
C THR B 249 -11.47 -7.72 5.05
N GLY B 250 -11.75 -6.42 5.16
CA GLY B 250 -10.71 -5.45 5.38
C GLY B 250 -9.90 -5.10 4.15
N ALA B 251 -10.30 -5.58 2.98
CA ALA B 251 -9.55 -5.44 1.74
C ALA B 251 -10.00 -4.23 0.94
N SER B 252 -9.06 -3.68 0.16
CA SER B 252 -9.37 -2.68 -0.86
C SER B 252 -9.25 -3.36 -2.22
N LEU B 253 -10.34 -3.34 -2.98
CA LEU B 253 -10.44 -4.09 -4.23
C LEU B 253 -10.61 -3.11 -5.38
N ALA B 254 -9.52 -2.86 -6.12
CA ALA B 254 -9.59 -1.98 -7.28
C ALA B 254 -10.29 -2.68 -8.45
N VAL B 255 -11.17 -1.95 -9.13
CA VAL B 255 -11.75 -2.32 -10.42
C VAL B 255 -11.48 -1.14 -11.34
N ASP B 256 -10.21 -0.90 -11.65
CA ASP B 256 -9.75 0.37 -12.20
C ASP B 256 -9.11 0.27 -13.58
N GLY B 257 -9.16 -0.90 -14.23
CA GLY B 257 -8.52 -1.03 -15.53
C GLY B 257 -7.01 -0.94 -15.50
N GLY B 258 -6.39 -1.23 -14.36
CA GLY B 258 -4.95 -1.07 -14.22
C GLY B 258 -4.48 0.34 -13.98
N PHE B 259 -5.37 1.22 -13.49
CA PHE B 259 -4.98 2.61 -13.23
C PHE B 259 -3.84 2.67 -12.23
N ALA B 260 -3.86 1.80 -11.21
CA ALA B 260 -2.82 1.79 -10.20
C ALA B 260 -1.61 0.93 -10.56
N ALA B 261 -1.73 0.02 -11.53
CA ALA B 261 -0.66 -0.91 -11.95
C ALA B 261 0.75 -0.31 -11.89
N GLN C 15 -22.47 -21.71 -17.24
CA GLN C 15 -21.03 -21.92 -17.26
C GLN C 15 -20.31 -20.90 -18.12
N ASN C 16 -19.68 -19.92 -17.47
CA ASN C 16 -19.08 -18.79 -18.16
C ASN C 16 -17.74 -19.12 -18.83
N LEU C 17 -17.12 -20.26 -18.53
CA LEU C 17 -15.80 -20.57 -19.08
C LEU C 17 -15.87 -21.63 -20.17
N ASN C 18 -17.04 -21.91 -20.72
CA ASN C 18 -17.13 -22.95 -21.72
C ASN C 18 -16.31 -22.56 -22.95
N GLY C 19 -15.54 -23.53 -23.46
CA GLY C 19 -14.69 -23.30 -24.62
C GLY C 19 -13.34 -22.68 -24.32
N LYS C 20 -13.06 -22.40 -23.04
CA LYS C 20 -11.78 -21.81 -22.62
C LYS C 20 -10.87 -22.90 -22.09
N VAL C 21 -9.56 -22.69 -22.27
CA VAL C 21 -8.53 -23.59 -21.75
C VAL C 21 -7.85 -22.92 -20.57
N ALA C 22 -7.73 -23.64 -19.47
CA ALA C 22 -7.05 -23.14 -18.28
C ALA C 22 -5.82 -23.99 -18.00
N PHE C 23 -4.75 -23.35 -17.53
CA PHE C 23 -3.54 -24.04 -17.10
C PHE C 23 -3.28 -23.67 -15.65
N VAL C 24 -3.04 -24.67 -14.81
CA VAL C 24 -2.83 -24.48 -13.38
C VAL C 24 -1.58 -25.26 -12.97
N THR C 25 -0.55 -24.54 -12.51
CA THR C 25 0.61 -25.22 -11.94
C THR C 25 0.27 -25.78 -10.56
N GLY C 26 0.80 -26.95 -10.25
CA GLY C 26 0.57 -27.52 -8.92
C GLY C 26 -0.89 -27.81 -8.60
N GLY C 27 -1.65 -28.27 -9.60
CA GLY C 27 -3.07 -28.50 -9.46
C GLY C 27 -3.52 -29.84 -8.88
N SER C 28 -2.61 -30.70 -8.48
CA SER C 28 -3.03 -31.99 -7.98
C SER C 28 -3.49 -32.08 -6.55
N ARG C 29 -3.29 -31.06 -5.80
CA ARG C 29 -3.65 -31.08 -4.43
C ARG C 29 -3.91 -29.72 -3.83
N GLY C 30 -4.54 -29.72 -2.70
CA GLY C 30 -4.82 -28.52 -1.98
C GLY C 30 -5.56 -27.40 -2.67
N ILE C 31 -5.00 -26.21 -2.57
CA ILE C 31 -5.58 -25.05 -3.24
C ILE C 31 -5.59 -25.24 -4.75
N GLY C 32 -4.53 -25.86 -5.29
CA GLY C 32 -4.47 -26.05 -6.72
C GLY C 32 -5.53 -27.02 -7.22
N ALA C 33 -5.80 -28.07 -6.43
CA ALA C 33 -6.86 -29.00 -6.78
C ALA C 33 -8.23 -28.34 -6.73
N ALA C 34 -8.46 -27.49 -5.72
CA ALA C 34 -9.74 -26.81 -5.63
C ALA C 34 -9.92 -25.84 -6.79
N ILE C 35 -8.83 -25.22 -7.24
CA ILE C 35 -8.90 -24.28 -8.34
C ILE C 35 -9.26 -25.00 -9.63
N VAL C 36 -8.59 -26.13 -9.90
CA VAL C 36 -8.87 -26.86 -11.14
C VAL C 36 -10.29 -27.41 -11.13
N ARG C 37 -10.78 -27.87 -9.96
CA ARG C 37 -12.14 -28.38 -9.89
C ARG C 37 -13.14 -27.27 -10.12
N ARG C 38 -12.90 -26.11 -9.53
CA ARG C 38 -13.82 -24.98 -9.71
C ARG C 38 -13.81 -24.51 -11.16
N LEU C 39 -12.62 -24.38 -11.77
CA LEU C 39 -12.58 -23.93 -13.15
C LEU C 39 -13.25 -24.94 -14.08
N ALA C 40 -13.09 -26.24 -13.80
CA ALA C 40 -13.75 -27.26 -14.62
C ALA C 40 -15.26 -27.21 -14.44
N ALA C 41 -15.75 -26.96 -13.21
CA ALA C 41 -17.18 -26.86 -12.99
C ALA C 41 -17.78 -25.67 -13.71
N ASP C 42 -16.98 -24.65 -14.01
CA ASP C 42 -17.44 -23.54 -14.81
C ASP C 42 -17.28 -23.80 -16.30
N GLY C 43 -16.83 -25.00 -16.67
CA GLY C 43 -16.79 -25.46 -18.05
C GLY C 43 -15.46 -25.37 -18.76
N ALA C 44 -14.39 -24.93 -18.09
CA ALA C 44 -13.10 -24.90 -18.76
C ALA C 44 -12.54 -26.30 -18.94
N ASP C 45 -11.90 -26.53 -20.08
CA ASP C 45 -10.92 -27.60 -20.21
C ASP C 45 -9.66 -27.19 -19.46
N ILE C 46 -8.99 -28.16 -18.86
CA ILE C 46 -7.92 -27.84 -17.91
C ILE C 46 -6.69 -28.68 -18.16
N ALA C 47 -5.52 -28.02 -18.20
CA ALA C 47 -4.25 -28.69 -18.03
C ALA C 47 -3.65 -28.27 -16.70
N PHE C 48 -3.05 -29.22 -15.99
CA PHE C 48 -2.43 -28.89 -14.74
C PHE C 48 -1.16 -29.70 -14.57
N THR C 49 -0.24 -29.17 -13.77
CA THR C 49 1.02 -29.83 -13.47
C THR C 49 0.98 -30.45 -12.09
N TYR C 50 1.83 -31.45 -11.92
CA TYR C 50 2.16 -32.00 -10.62
C TYR C 50 3.67 -32.05 -10.54
N VAL C 51 4.20 -31.77 -9.35
CA VAL C 51 5.64 -31.55 -9.21
C VAL C 51 6.39 -32.87 -9.03
N SER C 52 6.06 -33.63 -8.00
CA SER C 52 6.72 -34.91 -7.77
C SER C 52 6.06 -36.02 -8.58
N ALA C 53 6.87 -36.99 -9.00
CA ALA C 53 6.33 -38.19 -9.64
C ALA C 53 5.51 -39.04 -8.68
N SER C 54 5.73 -38.89 -7.37
CA SER C 54 4.96 -39.60 -6.37
C SER C 54 3.49 -39.20 -6.34
N SER C 55 3.14 -38.00 -6.78
CA SER C 55 1.77 -37.52 -6.88
C SER C 55 1.06 -38.00 -8.14
N LYS C 56 1.72 -38.81 -8.97
CA LYS C 56 1.19 -39.12 -10.30
C LYS C 56 -0.23 -39.70 -10.26
N ASN C 57 -0.47 -40.72 -9.44
CA ASN C 57 -1.78 -41.38 -9.51
C ASN C 57 -2.91 -40.46 -9.06
N VAL C 58 -2.66 -39.61 -8.06
CA VAL C 58 -3.68 -38.65 -7.62
C VAL C 58 -3.97 -37.66 -8.75
N ALA C 59 -2.94 -37.25 -9.48
CA ALA C 59 -3.13 -36.36 -10.63
C ALA C 59 -3.89 -37.06 -11.75
N THR C 60 -3.55 -38.32 -12.03
CA THR C 60 -4.27 -39.06 -13.06
C THR C 60 -5.71 -39.30 -12.64
N ALA C 61 -5.93 -39.51 -11.34
CA ALA C 61 -7.31 -39.64 -10.84
C ALA C 61 -8.09 -38.36 -11.05
N LEU C 62 -7.45 -37.21 -10.84
CA LEU C 62 -8.15 -35.96 -11.05
C LEU C 62 -8.53 -35.80 -12.52
N VAL C 63 -7.67 -36.26 -13.43
CA VAL C 63 -8.02 -36.18 -14.85
C VAL C 63 -9.21 -37.06 -15.16
N GLN C 64 -9.25 -38.26 -14.58
CA GLN C 64 -10.36 -39.17 -14.81
C GLN C 64 -11.67 -38.57 -14.28
N GLU C 65 -11.61 -37.86 -13.18
CA GLU C 65 -12.76 -37.21 -12.62
C GLU C 65 -13.32 -36.11 -13.54
N LEU C 66 -12.47 -35.29 -14.12
CA LEU C 66 -12.89 -34.25 -15.06
C LEU C 66 -13.46 -34.78 -16.35
N GLU C 67 -12.87 -35.82 -16.87
CA GLU C 67 -13.31 -36.51 -18.04
C GLU C 67 -14.67 -37.11 -17.77
N ALA C 68 -14.87 -37.65 -16.60
CA ALA C 68 -16.18 -38.22 -16.33
C ALA C 68 -17.26 -37.17 -16.19
N LYS C 69 -16.93 -35.90 -16.39
CA LYS C 69 -17.89 -34.80 -16.35
C LYS C 69 -17.94 -34.04 -17.68
N GLY C 70 -17.38 -34.63 -18.74
CA GLY C 70 -17.40 -34.04 -20.06
C GLY C 70 -16.30 -33.05 -20.38
N ARG C 71 -15.31 -32.89 -19.51
CA ARG C 71 -14.23 -31.92 -19.72
C ARG C 71 -13.02 -32.65 -20.29
N ARG C 72 -12.29 -31.98 -21.19
CA ARG C 72 -10.96 -32.44 -21.55
C ARG C 72 -9.97 -32.01 -20.47
N ALA C 73 -8.98 -32.86 -20.21
CA ALA C 73 -8.05 -32.55 -19.13
C ALA C 73 -6.71 -33.21 -19.39
N ARG C 74 -5.65 -32.60 -18.86
CA ARG C 74 -4.32 -33.14 -18.99
C ARG C 74 -3.58 -32.93 -17.68
N ALA C 75 -2.85 -33.96 -17.25
CA ALA C 75 -1.95 -33.86 -16.11
C ALA C 75 -0.54 -34.05 -16.62
N ILE C 76 0.34 -33.10 -16.30
CA ILE C 76 1.70 -33.08 -16.81
C ILE C 76 2.66 -32.99 -15.64
N GLN C 77 3.59 -33.93 -15.54
CA GLN C 77 4.65 -33.82 -14.56
C GLN C 77 5.58 -32.67 -14.90
N ALA C 78 5.95 -31.89 -13.87
CA ALA C 78 6.92 -30.81 -14.01
C ALA C 78 7.41 -30.32 -12.65
N ASP C 79 8.67 -30.54 -12.31
CA ASP C 79 9.23 -29.92 -11.12
C ASP C 79 9.30 -28.41 -11.31
N SER C 80 8.82 -27.65 -10.31
CA SER C 80 8.80 -26.20 -10.44
C SER C 80 10.21 -25.62 -10.48
N ALA C 81 11.18 -26.30 -9.86
CA ALA C 81 12.55 -25.80 -9.88
C ALA C 81 13.17 -25.83 -11.28
N ASP C 82 12.65 -26.65 -12.21
CA ASP C 82 13.27 -26.77 -13.52
C ASP C 82 12.52 -25.90 -14.51
N PRO C 83 13.10 -24.78 -14.98
CA PRO C 83 12.40 -23.92 -15.93
C PRO C 83 12.02 -24.62 -17.22
N ALA C 84 12.86 -25.56 -17.67
CA ALA C 84 12.55 -26.26 -18.91
C ALA C 84 11.30 -27.12 -18.76
N GLN C 85 11.09 -27.71 -17.58
CA GLN C 85 9.91 -28.56 -17.40
C GLN C 85 8.63 -27.74 -17.33
N VAL C 86 8.66 -26.58 -16.67
CA VAL C 86 7.49 -25.72 -16.64
C VAL C 86 7.15 -25.24 -18.04
N ARG C 87 8.17 -24.86 -18.81
CA ARG C 87 7.93 -24.34 -20.15
C ARG C 87 7.35 -25.40 -21.08
N GLN C 88 7.95 -26.59 -21.11
CA GLN C 88 7.42 -27.61 -22.01
C GLN C 88 6.06 -28.13 -21.55
N ALA C 89 5.77 -28.07 -20.24
CA ALA C 89 4.42 -28.42 -19.81
C ALA C 89 3.40 -27.45 -20.37
N VAL C 90 3.74 -26.15 -20.40
CA VAL C 90 2.83 -25.20 -21.02
C VAL C 90 2.75 -25.44 -22.53
N GLU C 91 3.89 -25.72 -23.17
CA GLU C 91 3.86 -25.97 -24.61
C GLU C 91 3.03 -27.20 -24.94
N GLN C 92 3.18 -28.26 -24.16
CA GLN C 92 2.40 -29.46 -24.42
C GLN C 92 0.91 -29.22 -24.25
N ALA C 93 0.52 -28.41 -23.26
CA ALA C 93 -0.89 -28.13 -23.09
C ALA C 93 -1.42 -27.35 -24.28
N ILE C 94 -0.59 -26.47 -24.85
CA ILE C 94 -1.09 -25.66 -25.96
C ILE C 94 -1.30 -26.51 -27.21
N VAL C 95 -0.40 -27.48 -27.50
CA VAL C 95 -0.63 -28.30 -28.70
C VAL C 95 -1.82 -29.21 -28.49
N GLN C 96 -2.00 -29.74 -27.28
CA GLN C 96 -3.06 -30.72 -27.07
C GLN C 96 -4.42 -30.06 -26.88
N LEU C 97 -4.48 -28.92 -26.18
CA LEU C 97 -5.78 -28.30 -25.89
C LEU C 97 -6.04 -27.00 -26.63
N GLY C 98 -5.02 -26.34 -27.19
CA GLY C 98 -5.19 -25.02 -27.74
C GLY C 98 -4.65 -23.93 -26.83
N PRO C 99 -4.68 -22.68 -27.28
CA PRO C 99 -4.09 -21.59 -26.47
C PRO C 99 -4.78 -21.50 -25.12
N VAL C 100 -3.99 -21.17 -24.14
CA VAL C 100 -4.43 -20.96 -22.77
C VAL C 100 -5.13 -19.64 -22.57
N ASP C 101 -6.32 -19.70 -22.06
CA ASP C 101 -7.06 -18.53 -21.73
C ASP C 101 -6.86 -18.06 -20.30
N VAL C 102 -6.68 -18.96 -19.39
CA VAL C 102 -6.54 -18.67 -17.96
C VAL C 102 -5.32 -19.41 -17.45
N LEU C 103 -4.29 -18.66 -17.08
CA LEU C 103 -3.10 -19.22 -16.44
C LEU C 103 -3.16 -18.93 -14.95
N VAL C 104 -3.03 -19.98 -14.12
CA VAL C 104 -3.03 -19.86 -12.67
C VAL C 104 -1.70 -20.39 -12.15
N ASN C 105 -0.86 -19.49 -11.65
CA ASN C 105 0.43 -19.86 -11.04
C ASN C 105 0.21 -20.14 -9.56
N ASN C 106 -0.09 -21.39 -9.25
CA ASN C 106 -0.44 -21.76 -7.89
C ASN C 106 0.70 -22.44 -7.12
N ALA C 107 1.61 -23.13 -7.81
CA ALA C 107 2.67 -23.86 -7.13
C ALA C 107 3.63 -22.94 -6.36
N GLY C 108 4.00 -23.37 -5.17
CA GLY C 108 4.92 -22.63 -4.32
C GLY C 108 5.34 -23.49 -3.15
N ILE C 109 6.34 -23.00 -2.43
CA ILE C 109 6.88 -23.70 -1.26
C ILE C 109 7.08 -22.69 -0.13
N PHE C 110 6.97 -23.19 1.10
CA PHE C 110 7.07 -22.39 2.31
C PHE C 110 8.26 -22.89 3.12
N LEU C 111 9.44 -22.26 2.90
CA LEU C 111 10.67 -22.57 3.63
C LEU C 111 10.86 -21.50 4.71
N ALA C 112 10.72 -21.91 5.96
CA ALA C 112 10.70 -20.96 7.06
C ALA C 112 11.73 -21.31 8.10
N GLY C 113 12.12 -20.31 8.89
CA GLY C 113 13.05 -20.54 9.98
C GLY C 113 13.87 -19.33 10.35
N PRO C 114 14.75 -19.48 11.34
CA PRO C 114 15.59 -18.37 11.78
C PRO C 114 16.49 -17.85 10.67
N LEU C 115 16.69 -16.53 10.67
CA LEU C 115 17.43 -15.89 9.60
C LEU C 115 18.87 -16.40 9.53
N GLY C 116 19.46 -16.73 10.69
CA GLY C 116 20.83 -17.19 10.70
C GLY C 116 20.99 -18.62 10.22
N GLU C 117 19.91 -19.38 10.15
CA GLU C 117 19.93 -20.75 9.67
C GLU C 117 19.48 -20.91 8.21
N VAL C 118 19.05 -19.84 7.53
CA VAL C 118 18.68 -19.96 6.13
C VAL C 118 19.91 -20.28 5.30
N THR C 119 19.77 -21.22 4.36
CA THR C 119 20.89 -21.63 3.53
C THR C 119 20.72 -21.11 2.10
N LEU C 120 21.83 -21.10 1.38
CA LEU C 120 21.79 -20.68 -0.02
C LEU C 120 20.92 -21.60 -0.85
N ASP C 121 20.86 -22.88 -0.48
CA ASP C 121 19.92 -23.80 -1.12
C ASP C 121 18.48 -23.45 -0.78
N ASP C 122 18.21 -22.97 0.45
CA ASP C 122 16.86 -22.51 0.76
C ASP C 122 16.50 -21.34 -0.12
N TYR C 123 17.44 -20.41 -0.32
CA TYR C 123 17.17 -19.28 -1.20
C TYR C 123 16.94 -19.75 -2.61
N GLU C 124 17.77 -20.68 -3.10
CA GLU C 124 17.70 -21.06 -4.50
C GLU C 124 16.37 -21.71 -4.83
N ARG C 125 15.92 -22.63 -3.97
CA ARG C 125 14.68 -23.35 -4.23
C ARG C 125 13.47 -22.43 -4.09
N THR C 126 13.47 -21.56 -3.08
CA THR C 126 12.35 -20.65 -2.90
C THR C 126 12.20 -19.73 -4.11
N MET C 127 13.31 -19.17 -4.59
CA MET C 127 13.21 -18.25 -5.73
C MET C 127 12.94 -18.98 -7.03
N ASN C 128 13.51 -20.18 -7.20
CA ASN C 128 13.24 -20.92 -8.43
C ASN C 128 11.77 -21.32 -8.52
N ILE C 129 11.19 -21.69 -7.39
CA ILE C 129 9.81 -22.16 -7.37
C ILE C 129 8.82 -21.00 -7.26
N ASN C 130 9.04 -20.07 -6.31
CA ASN C 130 8.04 -19.04 -6.05
C ASN C 130 8.05 -17.89 -7.05
N VAL C 131 9.13 -17.70 -7.81
CA VAL C 131 9.23 -16.54 -8.68
C VAL C 131 9.51 -16.95 -10.13
N ARG C 132 10.60 -17.69 -10.35
CA ARG C 132 11.01 -18.03 -11.71
C ARG C 132 9.98 -18.90 -12.43
N ALA C 133 9.48 -19.94 -11.76
CA ALA C 133 8.53 -20.83 -12.41
C ALA C 133 7.29 -20.06 -12.87
N PRO C 134 6.65 -19.23 -12.03
CA PRO C 134 5.53 -18.43 -12.57
C PRO C 134 5.94 -17.52 -13.74
N PHE C 135 7.14 -16.94 -13.71
CA PHE C 135 7.51 -16.08 -14.82
C PHE C 135 7.73 -16.90 -16.09
N VAL C 136 8.26 -18.12 -15.92
CA VAL C 136 8.46 -18.98 -17.08
C VAL C 136 7.13 -19.42 -17.67
N ALA C 137 6.18 -19.83 -16.82
CA ALA C 137 4.88 -20.27 -17.35
C ALA C 137 4.17 -19.12 -18.06
N ILE C 138 4.27 -17.92 -17.52
CA ILE C 138 3.64 -16.77 -18.14
C ILE C 138 4.26 -16.49 -19.50
N GLN C 139 5.60 -16.59 -19.60
CA GLN C 139 6.26 -16.33 -20.89
C GLN C 139 5.82 -17.34 -21.93
N ALA C 140 5.61 -18.58 -21.51
CA ALA C 140 5.25 -19.62 -22.46
C ALA C 140 3.81 -19.44 -22.90
N ALA C 141 2.94 -19.00 -21.99
CA ALA C 141 1.52 -18.88 -22.31
C ALA C 141 1.16 -17.57 -22.99
N GLN C 142 1.90 -16.49 -22.72
CA GLN C 142 1.41 -15.18 -23.09
C GLN C 142 1.35 -14.96 -24.60
N ALA C 143 2.22 -15.57 -25.39
CA ALA C 143 2.28 -15.21 -26.81
C ALA C 143 0.98 -15.56 -27.54
N SER C 144 0.48 -16.77 -27.33
CA SER C 144 -0.72 -17.23 -28.02
C SER C 144 -2.00 -16.95 -27.24
N MET C 145 -1.89 -16.31 -26.08
CA MET C 145 -3.07 -16.09 -25.25
C MET C 145 -4.08 -15.21 -25.98
N PRO C 146 -5.34 -15.64 -26.12
CA PRO C 146 -6.33 -14.83 -26.82
C PRO C 146 -6.64 -13.55 -26.07
N ASP C 147 -7.16 -12.57 -26.81
CA ASP C 147 -7.56 -11.31 -26.18
C ASP C 147 -8.57 -11.60 -25.07
N GLY C 148 -8.46 -10.85 -23.97
CA GLY C 148 -9.30 -11.11 -22.82
C GLY C 148 -8.85 -12.23 -21.93
N GLY C 149 -7.62 -12.72 -22.09
CA GLY C 149 -7.12 -13.80 -21.26
C GLY C 149 -6.85 -13.33 -19.84
N ARG C 150 -6.59 -14.29 -18.97
CA ARG C 150 -6.41 -14.01 -17.55
C ARG C 150 -5.15 -14.67 -17.04
N ILE C 151 -4.32 -13.88 -16.35
CA ILE C 151 -3.17 -14.41 -15.62
C ILE C 151 -3.41 -14.19 -14.15
N ILE C 152 -3.31 -15.24 -13.35
CA ILE C 152 -3.66 -15.20 -11.94
C ILE C 152 -2.53 -15.84 -11.12
N ASN C 153 -1.73 -15.02 -10.45
CA ASN C 153 -0.73 -15.51 -9.53
C ASN C 153 -1.30 -15.66 -8.12
N ILE C 154 -0.84 -16.69 -7.41
CA ILE C 154 -1.24 -16.92 -6.04
C ILE C 154 -0.12 -16.43 -5.14
N GLY C 155 -0.41 -15.45 -4.31
CA GLY C 155 0.58 -14.87 -3.43
C GLY C 155 0.49 -15.36 -1.99
N SER C 156 0.53 -14.42 -1.05
CA SER C 156 0.41 -14.71 0.37
C SER C 156 0.16 -13.40 1.10
N CYS C 157 -0.54 -13.49 2.23
CA CYS C 157 -0.66 -12.31 3.08
C CYS C 157 0.70 -11.88 3.61
N LEU C 158 1.67 -12.81 3.69
CA LEU C 158 3.02 -12.47 4.12
C LEU C 158 3.75 -11.61 3.11
N ALA C 159 3.28 -11.55 1.85
CA ALA C 159 3.87 -10.62 0.91
C ALA C 159 3.67 -9.18 1.35
N GLU C 160 2.52 -8.87 1.97
CA GLU C 160 2.21 -7.50 2.36
C GLU C 160 2.57 -7.19 3.81
N ARG C 161 2.50 -8.19 4.69
CA ARG C 161 2.81 -8.03 6.12
C ARG C 161 3.49 -9.29 6.61
N ALA C 162 4.72 -9.18 7.09
CA ALA C 162 5.39 -10.34 7.68
C ALA C 162 4.78 -10.67 9.04
N GLY C 163 4.51 -9.67 9.87
CA GLY C 163 3.87 -9.87 11.15
C GLY C 163 4.65 -10.63 12.22
N ARG C 164 5.55 -11.52 11.83
CA ARG C 164 6.37 -12.28 12.77
C ARG C 164 7.75 -12.50 12.16
N ALA C 165 8.69 -12.89 13.03
CA ALA C 165 10.01 -13.30 12.59
C ALA C 165 9.98 -14.69 11.96
N GLY C 166 10.92 -14.93 11.05
CA GLY C 166 11.13 -16.25 10.45
C GLY C 166 10.52 -16.45 9.07
N VAL C 167 9.95 -15.41 8.45
CA VAL C 167 9.31 -15.56 7.16
C VAL C 167 9.96 -14.69 6.09
N THR C 168 11.22 -14.34 6.33
CA THR C 168 11.85 -13.40 5.50
C THR C 168 11.99 -13.75 4.03
N LEU C 169 12.50 -14.91 3.75
CA LEU C 169 12.66 -15.33 2.43
C LEU C 169 11.37 -15.62 1.69
N TYR C 170 10.45 -16.28 2.37
CA TYR C 170 9.17 -16.58 1.82
C TYR C 170 8.43 -15.28 1.47
N ALA C 171 8.51 -14.29 2.35
CA ALA C 171 7.83 -13.04 2.10
C ALA C 171 8.45 -12.29 0.93
N ALA C 172 9.78 -12.38 0.79
CA ALA C 172 10.46 -11.75 -0.33
C ALA C 172 10.04 -12.36 -1.66
N SER C 173 9.98 -13.70 -1.73
CA SER C 173 9.61 -14.35 -2.99
C SER C 173 8.17 -14.02 -3.38
N LYS C 174 7.29 -13.93 -2.38
CA LYS C 174 5.89 -13.60 -2.68
C LYS C 174 5.72 -12.12 -3.00
N SER C 175 6.47 -11.23 -2.33
CA SER C 175 6.34 -9.82 -2.70
C SER C 175 6.92 -9.54 -4.09
N ALA C 176 7.81 -10.41 -4.60
CA ALA C 176 8.25 -10.26 -5.98
C ALA C 176 7.10 -10.35 -6.97
N LEU C 177 6.09 -11.17 -6.66
CA LEU C 177 4.92 -11.31 -7.54
C LEU C 177 4.14 -10.02 -7.66
N LEU C 178 4.19 -9.17 -6.61
CA LEU C 178 3.45 -7.90 -6.63
C LEU C 178 3.92 -7.02 -7.78
N GLY C 179 5.24 -6.81 -7.87
CA GLY C 179 5.76 -6.02 -8.97
C GLY C 179 5.64 -6.73 -10.31
N MET C 180 5.81 -8.06 -10.32
CA MET C 180 5.67 -8.80 -11.56
C MET C 180 4.25 -8.66 -12.10
N THR C 181 3.26 -8.75 -11.21
CA THR C 181 1.87 -8.68 -11.65
C THR C 181 1.52 -7.31 -12.17
N ARG C 182 1.97 -6.26 -11.48
CA ARG C 182 1.71 -4.92 -11.97
C ARG C 182 2.39 -4.69 -13.31
N GLY C 183 3.59 -5.23 -13.49
CA GLY C 183 4.25 -5.07 -14.77
C GLY C 183 3.55 -5.84 -15.88
N LEU C 184 3.05 -7.04 -15.56
CA LEU C 184 2.32 -7.83 -16.54
C LEU C 184 1.02 -7.15 -16.98
N ALA C 185 0.35 -6.45 -16.07
CA ALA C 185 -0.88 -5.75 -16.44
C ALA C 185 -0.58 -4.67 -17.48
N ARG C 186 0.53 -3.96 -17.33
CA ARG C 186 0.96 -2.96 -18.31
C ARG C 186 1.40 -3.60 -19.62
N ASP C 187 2.12 -4.73 -19.56
CA ASP C 187 2.59 -5.38 -20.78
C ASP C 187 1.46 -5.95 -21.63
N LEU C 188 0.38 -6.43 -20.99
CA LEU C 188 -0.63 -7.18 -21.71
C LEU C 188 -1.99 -6.49 -21.75
N GLY C 189 -2.11 -5.29 -21.19
CA GLY C 189 -3.42 -4.65 -21.13
C GLY C 189 -3.99 -4.27 -22.48
N ALA C 190 -3.12 -3.93 -23.44
CA ALA C 190 -3.63 -3.54 -24.75
C ALA C 190 -4.36 -4.69 -25.44
N ARG C 191 -4.00 -5.92 -25.12
CA ARG C 191 -4.70 -7.09 -25.65
C ARG C 191 -5.92 -7.47 -24.82
N GLY C 192 -6.22 -6.73 -23.75
CA GLY C 192 -7.35 -7.04 -22.90
C GLY C 192 -7.08 -8.10 -21.86
N ILE C 193 -5.84 -8.56 -21.75
CA ILE C 193 -5.46 -9.58 -20.78
C ILE C 193 -5.24 -8.93 -19.42
N THR C 194 -5.83 -9.54 -18.38
CA THR C 194 -5.66 -9.06 -17.01
C THR C 194 -4.60 -9.89 -16.28
N ALA C 195 -3.97 -9.27 -15.29
CA ALA C 195 -3.00 -9.93 -14.42
C ALA C 195 -3.23 -9.49 -12.98
N ASN C 196 -3.51 -10.44 -12.10
CA ASN C 196 -3.82 -10.14 -10.71
C ASN C 196 -3.12 -11.16 -9.81
N VAL C 197 -2.95 -10.82 -8.55
CA VAL C 197 -2.38 -11.75 -7.58
C VAL C 197 -3.35 -11.88 -6.41
N VAL C 198 -3.65 -13.12 -6.01
CA VAL C 198 -4.51 -13.43 -4.88
C VAL C 198 -3.63 -13.82 -3.69
N HIS C 199 -3.96 -13.27 -2.52
CA HIS C 199 -3.13 -13.48 -1.33
C HIS C 199 -3.96 -14.29 -0.34
N PRO C 200 -3.77 -15.61 -0.26
CA PRO C 200 -4.48 -16.38 0.77
C PRO C 200 -3.97 -15.95 2.14
N GLY C 201 -4.89 -15.95 3.10
CA GLY C 201 -4.53 -15.89 4.48
C GLY C 201 -4.35 -17.33 4.94
N PRO C 202 -4.50 -17.59 6.23
CA PRO C 202 -4.46 -18.98 6.68
C PRO C 202 -5.57 -19.77 6.01
N ILE C 203 -5.21 -20.93 5.48
CA ILE C 203 -6.12 -21.79 4.74
C ILE C 203 -5.95 -23.21 5.25
N ASP C 204 -7.06 -23.88 5.50
CA ASP C 204 -7.07 -25.23 6.03
C ASP C 204 -6.74 -26.21 4.90
N THR C 205 -5.53 -26.76 4.93
CA THR C 205 -5.10 -27.82 4.02
C THR C 205 -4.46 -28.91 4.86
N ASP C 206 -4.19 -30.03 4.21
CA ASP C 206 -3.48 -31.10 4.91
C ASP C 206 -2.06 -30.66 5.26
N MET C 207 -1.45 -29.85 4.38
CA MET C 207 -0.11 -29.33 4.61
C MET C 207 -0.09 -28.23 5.67
N ASN C 208 -1.20 -27.50 5.82
CA ASN C 208 -1.30 -26.37 6.75
C ASN C 208 -2.57 -26.55 7.58
N PRO C 209 -2.56 -27.47 8.55
CA PRO C 209 -3.77 -27.76 9.32
C PRO C 209 -4.26 -26.59 10.15
N ALA C 210 -5.59 -26.47 10.26
CA ALA C 210 -6.20 -25.52 11.19
C ALA C 210 -6.10 -26.01 12.63
N ASP C 211 -5.78 -27.30 12.82
CA ASP C 211 -5.59 -27.93 14.12
C ASP C 211 -4.14 -27.91 14.60
N GLY C 212 -3.23 -27.23 13.90
CA GLY C 212 -1.83 -27.28 14.27
C GLY C 212 -1.54 -26.50 15.53
N GLU C 213 -0.35 -26.76 16.10
CA GLU C 213 0.04 -26.06 17.32
C GLU C 213 0.15 -24.56 17.07
N ARG C 214 0.49 -24.15 15.86
CA ARG C 214 0.65 -22.73 15.60
C ARG C 214 -0.63 -22.07 15.09
N SER C 215 -1.72 -22.84 14.95
CA SER C 215 -2.97 -22.29 14.44
C SER C 215 -3.53 -21.20 15.36
N GLY C 216 -3.34 -21.35 16.67
CA GLY C 216 -3.92 -20.40 17.61
C GLY C 216 -3.27 -19.03 17.54
N GLU C 217 -1.95 -18.99 17.31
CA GLU C 217 -1.30 -17.71 17.14
C GLU C 217 -1.82 -16.97 15.91
N LEU C 218 -2.13 -17.70 14.83
CA LEU C 218 -2.62 -17.03 13.64
C LEU C 218 -4.04 -16.54 13.81
N VAL C 219 -4.91 -17.39 14.36
CA VAL C 219 -6.32 -17.04 14.48
C VAL C 219 -6.52 -15.82 15.36
N ALA C 220 -5.68 -15.67 16.40
CA ALA C 220 -5.83 -14.56 17.34
C ALA C 220 -5.60 -13.20 16.68
N VAL C 221 -4.78 -13.14 15.62
CA VAL C 221 -4.51 -11.88 14.93
C VAL C 221 -5.41 -11.65 13.72
N LEU C 222 -6.32 -12.58 13.40
CA LEU C 222 -7.27 -12.41 12.31
C LEU C 222 -8.45 -11.53 12.74
N SER C 223 -9.10 -10.92 11.75
CA SER C 223 -10.39 -10.27 11.99
C SER C 223 -11.52 -11.29 12.10
N LEU C 224 -11.54 -12.29 11.22
CA LEU C 224 -12.45 -13.43 11.35
C LEU C 224 -11.73 -14.54 12.09
N PRO C 225 -12.21 -14.98 13.25
CA PRO C 225 -11.42 -15.86 14.13
C PRO C 225 -11.40 -17.33 13.71
N HIS C 226 -11.03 -17.58 12.46
CA HIS C 226 -10.93 -18.96 11.98
C HIS C 226 -10.12 -18.97 10.70
N TYR C 227 -9.56 -20.14 10.39
CA TYR C 227 -8.91 -20.37 9.11
C TYR C 227 -9.92 -20.34 7.97
N GLY C 228 -9.45 -19.97 6.77
CA GLY C 228 -10.24 -20.09 5.57
C GLY C 228 -10.18 -21.49 4.99
N GLU C 229 -10.90 -21.69 3.89
CA GLU C 229 -10.94 -22.98 3.20
C GLU C 229 -10.44 -22.80 1.77
N VAL C 230 -10.05 -23.92 1.15
CA VAL C 230 -9.54 -23.87 -0.22
C VAL C 230 -10.59 -23.33 -1.20
N ARG C 231 -11.87 -23.55 -0.91
CA ARG C 231 -12.93 -22.99 -1.76
C ARG C 231 -12.93 -21.47 -1.79
N ASP C 232 -12.51 -20.82 -0.70
CA ASP C 232 -12.43 -19.36 -0.71
C ASP C 232 -11.40 -18.88 -1.73
N ILE C 233 -10.26 -19.58 -1.83
CA ILE C 233 -9.29 -19.20 -2.86
C ILE C 233 -9.81 -19.54 -4.24
N ALA C 234 -10.41 -20.71 -4.40
CA ALA C 234 -10.93 -21.11 -5.69
C ALA C 234 -12.05 -20.18 -6.16
N GLY C 235 -12.85 -19.65 -5.22
CA GLY C 235 -13.90 -18.73 -5.61
C GLY C 235 -13.39 -17.38 -6.07
N MET C 236 -12.32 -16.88 -5.43
CA MET C 236 -11.71 -15.65 -5.90
C MET C 236 -11.09 -15.85 -7.28
N VAL C 237 -10.40 -16.98 -7.47
CA VAL C 237 -9.80 -17.27 -8.77
C VAL C 237 -10.86 -17.45 -9.84
N ALA C 238 -11.97 -18.11 -9.49
CA ALA C 238 -13.05 -18.22 -10.47
C ALA C 238 -13.63 -16.85 -10.81
N PHE C 239 -13.68 -15.93 -9.83
CA PHE C 239 -14.18 -14.59 -10.12
C PHE C 239 -13.26 -13.85 -11.08
N LEU C 240 -11.94 -13.89 -10.85
CA LEU C 240 -11.01 -13.21 -11.74
C LEU C 240 -10.99 -13.86 -13.12
N ALA C 241 -11.22 -15.17 -13.19
CA ALA C 241 -11.21 -15.88 -14.47
C ALA C 241 -12.40 -15.51 -15.37
N GLY C 242 -13.54 -15.15 -14.79
CA GLY C 242 -14.78 -15.01 -15.52
C GLY C 242 -15.10 -13.63 -16.06
N PRO C 243 -16.32 -13.49 -16.59
CA PRO C 243 -16.75 -12.20 -17.16
C PRO C 243 -16.75 -11.06 -16.17
N ASP C 244 -17.01 -11.32 -14.89
CA ASP C 244 -17.02 -10.25 -13.89
C ASP C 244 -15.63 -9.71 -13.56
N GLY C 245 -14.57 -10.40 -13.95
CA GLY C 245 -13.21 -9.94 -13.73
C GLY C 245 -12.57 -9.18 -14.88
N ARG C 246 -13.33 -8.83 -15.93
CA ARG C 246 -12.73 -8.30 -17.15
C ARG C 246 -12.07 -6.94 -16.96
N TYR C 247 -12.48 -6.17 -15.96
CA TYR C 247 -11.90 -4.85 -15.73
C TYR C 247 -10.99 -4.81 -14.51
N VAL C 248 -10.68 -5.97 -13.92
CA VAL C 248 -9.78 -6.07 -12.78
C VAL C 248 -8.39 -6.46 -13.28
N THR C 249 -7.40 -5.58 -13.13
CA THR C 249 -6.06 -5.94 -13.56
C THR C 249 -5.03 -5.16 -12.76
N GLY C 250 -3.91 -5.81 -12.46
CA GLY C 250 -2.85 -5.19 -11.69
C GLY C 250 -3.13 -5.11 -10.21
N ALA C 251 -4.18 -5.75 -9.74
CA ALA C 251 -4.64 -5.62 -8.36
C ALA C 251 -4.10 -6.76 -7.50
N SER C 252 -3.92 -6.47 -6.21
CA SER C 252 -3.64 -7.45 -5.18
C SER C 252 -4.90 -7.60 -4.35
N LEU C 253 -5.44 -8.81 -4.30
CA LEU C 253 -6.74 -9.09 -3.67
C LEU C 253 -6.53 -10.06 -2.50
N ALA C 254 -6.63 -9.54 -1.28
CA ALA C 254 -6.50 -10.41 -0.12
C ALA C 254 -7.76 -11.26 0.09
N VAL C 255 -7.54 -12.53 0.42
CA VAL C 255 -8.56 -13.45 0.91
C VAL C 255 -8.01 -14.02 2.21
N ASP C 256 -7.88 -13.15 3.22
CA ASP C 256 -7.04 -13.43 4.39
C ASP C 256 -7.77 -13.39 5.72
N GLY C 257 -9.10 -13.27 5.74
CA GLY C 257 -9.78 -13.22 7.02
C GLY C 257 -9.50 -11.98 7.83
N GLY C 258 -9.10 -10.89 7.18
CA GLY C 258 -8.74 -9.70 7.90
C GLY C 258 -7.38 -9.72 8.54
N PHE C 259 -6.44 -10.54 8.04
CA PHE C 259 -5.08 -10.56 8.57
C PHE C 259 -4.42 -9.20 8.42
N ALA C 260 -4.72 -8.50 7.33
CA ALA C 260 -4.14 -7.20 7.03
C ALA C 260 -4.82 -6.05 7.77
N ALA C 261 -5.94 -6.32 8.43
CA ALA C 261 -6.60 -5.31 9.26
C ALA C 261 -6.87 -3.97 8.60
N GLN D 15 21.23 27.81 10.09
CA GLN D 15 21.53 26.41 9.84
C GLN D 15 20.73 25.90 8.66
N ASN D 16 20.25 24.65 8.76
CA ASN D 16 19.46 24.06 7.67
C ASN D 16 18.24 24.92 7.34
N LEU D 17 17.52 25.38 8.36
CA LEU D 17 16.28 26.11 8.20
C LEU D 17 16.44 27.60 8.47
N ASN D 18 17.66 28.12 8.27
CA ASN D 18 17.99 29.47 8.74
C ASN D 18 17.06 30.55 8.20
N GLY D 19 16.80 30.55 6.90
CA GLY D 19 15.94 31.60 6.40
C GLY D 19 14.44 31.36 6.46
N LYS D 20 14.01 30.22 7.02
CA LYS D 20 12.65 29.71 6.88
C LYS D 20 11.71 30.06 8.04
N VAL D 21 10.44 30.21 7.69
CA VAL D 21 9.34 30.41 8.64
C VAL D 21 8.50 29.15 8.73
N ALA D 22 8.29 28.67 9.95
CA ALA D 22 7.49 27.49 10.20
C ALA D 22 6.26 27.82 11.04
N PHE D 23 5.15 27.13 10.74
CA PHE D 23 3.90 27.20 11.49
C PHE D 23 3.56 25.79 11.95
N VAL D 24 3.31 25.63 13.26
CA VAL D 24 3.04 24.33 13.86
C VAL D 24 1.77 24.44 14.68
N THR D 25 0.71 23.73 14.27
CA THR D 25 -0.49 23.65 15.10
C THR D 25 -0.26 22.75 16.33
N GLY D 26 -0.82 23.15 17.46
CA GLY D 26 -0.72 22.32 18.66
C GLY D 26 0.71 22.15 19.17
N GLY D 27 1.53 23.20 19.08
CA GLY D 27 2.93 23.11 19.42
C GLY D 27 3.31 23.30 20.88
N SER D 28 2.35 23.54 21.78
CA SER D 28 2.66 23.85 23.17
C SER D 28 3.05 22.63 23.99
N ARG D 29 2.83 21.42 23.50
CA ARG D 29 3.09 20.25 24.32
C ARG D 29 3.31 19.04 23.42
N GLY D 30 3.88 17.99 24.03
CA GLY D 30 3.99 16.69 23.40
C GLY D 30 4.79 16.72 22.11
N ILE D 31 4.25 16.05 21.10
CA ILE D 31 4.94 16.02 19.81
C ILE D 31 5.04 17.41 19.23
N GLY D 32 4.01 18.25 19.44
CA GLY D 32 4.07 19.59 18.88
C GLY D 32 5.16 20.43 19.52
N ALA D 33 5.39 20.26 20.82
CA ALA D 33 6.48 20.97 21.50
C ALA D 33 7.84 20.48 21.03
N ALA D 34 7.98 19.18 20.78
CA ALA D 34 9.24 18.68 20.26
C ALA D 34 9.52 19.19 18.86
N ILE D 35 8.48 19.34 18.04
CA ILE D 35 8.69 19.82 16.68
C ILE D 35 9.16 21.27 16.69
N VAL D 36 8.51 22.11 17.49
CA VAL D 36 8.90 23.52 17.53
C VAL D 36 10.31 23.66 18.07
N ARG D 37 10.69 22.82 19.04
CA ARG D 37 12.06 22.89 19.56
C ARG D 37 13.08 22.49 18.50
N ARG D 38 12.81 21.39 17.79
CA ARG D 38 13.75 20.96 16.76
C ARG D 38 13.82 21.96 15.61
N LEU D 39 12.66 22.43 15.14
CA LEU D 39 12.67 23.40 14.03
C LEU D 39 13.33 24.73 14.45
N ALA D 40 13.10 25.18 15.69
CA ALA D 40 13.77 26.38 16.15
C ALA D 40 15.28 26.17 16.29
N ALA D 41 15.69 24.99 16.75
CA ALA D 41 17.11 24.69 16.91
C ALA D 41 17.84 24.65 15.57
N ASP D 42 17.13 24.41 14.46
CA ASP D 42 17.66 24.49 13.10
C ASP D 42 17.58 25.87 12.48
N GLY D 43 17.14 26.87 13.23
CA GLY D 43 17.19 28.24 12.76
C GLY D 43 15.91 28.79 12.16
N ALA D 44 14.82 28.01 12.13
CA ALA D 44 13.54 28.53 11.68
C ALA D 44 12.89 29.38 12.76
N ASP D 45 12.21 30.46 12.35
CA ASP D 45 11.18 31.08 13.17
C ASP D 45 9.93 30.23 13.18
N ILE D 46 9.26 30.19 14.31
CA ILE D 46 8.08 29.35 14.44
C ILE D 46 6.97 30.15 15.09
N ALA D 47 5.79 30.08 14.50
CA ALA D 47 4.55 30.43 15.15
C ALA D 47 3.86 29.10 15.45
N PHE D 48 3.25 29.01 16.62
CA PHE D 48 2.55 27.78 16.97
C PHE D 48 1.26 28.11 17.73
N THR D 49 0.32 27.19 17.65
CA THR D 49 -0.98 27.36 18.29
C THR D 49 -1.10 26.51 19.55
N TYR D 50 -2.00 26.96 20.43
CA TYR D 50 -2.46 26.19 21.58
C TYR D 50 -3.97 26.31 21.65
N VAL D 51 -4.65 25.23 22.05
CA VAL D 51 -6.10 25.21 22.00
C VAL D 51 -6.72 25.77 23.28
N SER D 52 -6.39 25.17 24.41
CA SER D 52 -6.98 25.56 25.69
C SER D 52 -6.31 26.81 26.25
N ALA D 53 -7.10 27.61 26.99
CA ALA D 53 -6.52 28.75 27.69
C ALA D 53 -5.57 28.30 28.79
N SER D 54 -5.75 27.09 29.32
CA SER D 54 -4.82 26.55 30.30
C SER D 54 -3.44 26.32 29.70
N SER D 55 -3.37 26.13 28.38
CA SER D 55 -2.09 25.95 27.71
C SER D 55 -1.37 27.26 27.44
N LYS D 56 -2.03 28.41 27.66
CA LYS D 56 -1.46 29.70 27.28
C LYS D 56 -0.14 29.98 28.00
N ASN D 57 -0.11 29.73 29.33
CA ASN D 57 1.09 30.09 30.08
C ASN D 57 2.30 29.27 29.66
N VAL D 58 2.12 27.96 29.46
CA VAL D 58 3.24 27.15 29.00
C VAL D 58 3.65 27.56 27.59
N ALA D 59 2.69 27.95 26.75
CA ALA D 59 3.04 28.42 25.42
C ALA D 59 3.88 29.68 25.49
N THR D 60 3.52 30.61 26.39
CA THR D 60 4.34 31.81 26.58
C THR D 60 5.70 31.44 27.15
N ALA D 61 5.75 30.46 28.03
CA ALA D 61 7.03 30.01 28.57
C ALA D 61 7.91 29.44 27.46
N LEU D 62 7.32 28.66 26.54
CA LEU D 62 8.09 28.11 25.44
C LEU D 62 8.57 29.21 24.50
N VAL D 63 7.76 30.26 24.30
CA VAL D 63 8.18 31.37 23.46
C VAL D 63 9.37 32.09 24.08
N GLN D 64 9.34 32.30 25.40
CA GLN D 64 10.46 32.91 26.09
C GLN D 64 11.69 32.01 26.02
N GLU D 65 11.47 30.69 26.05
CA GLU D 65 12.57 29.75 25.92
C GLU D 65 13.28 29.88 24.59
N LEU D 66 12.55 30.04 23.50
CA LEU D 66 13.20 30.12 22.20
C LEU D 66 13.92 31.44 22.02
N GLU D 67 13.34 32.52 22.54
CA GLU D 67 13.98 33.83 22.43
C GLU D 67 15.26 33.92 23.25
N ALA D 68 15.38 33.11 24.30
CA ALA D 68 16.65 33.09 25.05
C ALA D 68 17.74 32.29 24.32
N LYS D 69 17.47 31.80 23.10
CA LYS D 69 18.47 31.17 22.24
C LYS D 69 18.55 31.90 20.91
N GLY D 70 17.98 33.10 20.84
CA GLY D 70 18.07 33.91 19.65
C GLY D 70 17.05 33.62 18.59
N ARG D 71 16.10 32.73 18.83
CA ARG D 71 15.12 32.38 17.80
C ARG D 71 13.84 33.15 18.06
N ARG D 72 13.24 33.62 16.97
CA ARG D 72 11.94 34.28 16.99
C ARG D 72 10.82 33.25 17.16
N ALA D 73 9.80 33.61 17.93
CA ALA D 73 8.72 32.69 18.23
C ALA D 73 7.44 33.49 18.50
N ARG D 74 6.31 32.87 18.22
CA ARG D 74 5.00 33.45 18.45
C ARG D 74 4.07 32.35 18.93
N ALA D 75 3.21 32.67 19.90
CA ALA D 75 2.16 31.75 20.34
C ALA D 75 0.80 32.38 20.06
N ILE D 76 -0.06 31.65 19.36
CA ILE D 76 -1.36 32.14 18.95
C ILE D 76 -2.40 31.13 19.40
N GLN D 77 -3.34 31.56 20.23
CA GLN D 77 -4.39 30.63 20.62
C GLN D 77 -5.30 30.34 19.43
N ALA D 78 -5.71 29.08 19.31
CA ALA D 78 -6.63 28.70 18.24
C ALA D 78 -7.25 27.34 18.58
N ASP D 79 -8.56 27.30 18.78
CA ASP D 79 -9.22 26.01 18.90
C ASP D 79 -9.14 25.26 17.58
N SER D 80 -8.71 24.00 17.65
CA SER D 80 -8.61 23.19 16.43
C SER D 80 -9.99 22.89 15.86
N ALA D 81 -11.01 22.83 16.73
CA ALA D 81 -12.38 22.59 16.31
C ALA D 81 -12.96 23.76 15.54
N ASP D 82 -12.43 24.97 15.72
CA ASP D 82 -12.99 26.14 15.08
C ASP D 82 -12.21 26.49 13.83
N PRO D 83 -12.76 26.29 12.62
CA PRO D 83 -12.02 26.66 11.40
C PRO D 83 -11.66 28.12 11.31
N ALA D 84 -12.51 29.01 11.83
CA ALA D 84 -12.21 30.44 11.75
C ALA D 84 -10.97 30.79 12.56
N GLN D 85 -10.79 30.14 13.71
CA GLN D 85 -9.64 30.43 14.56
C GLN D 85 -8.34 29.88 13.96
N VAL D 86 -8.41 28.68 13.37
CA VAL D 86 -7.23 28.11 12.72
C VAL D 86 -6.79 28.99 11.57
N ARG D 87 -7.75 29.45 10.78
CA ARG D 87 -7.45 30.30 9.63
C ARG D 87 -6.90 31.65 10.05
N GLN D 88 -7.54 32.32 10.99
CA GLN D 88 -7.02 33.63 11.40
C GLN D 88 -5.69 33.50 12.14
N ALA D 89 -5.44 32.38 12.83
CA ALA D 89 -4.13 32.18 13.44
C ALA D 89 -3.04 32.11 12.38
N VAL D 90 -3.31 31.41 11.27
CA VAL D 90 -2.33 31.38 10.19
C VAL D 90 -2.15 32.75 9.59
N GLU D 91 -3.24 33.52 9.47
CA GLU D 91 -3.14 34.88 8.92
C GLU D 91 -2.27 35.76 9.82
N GLN D 92 -2.44 35.65 11.15
CA GLN D 92 -1.64 36.43 12.07
C GLN D 92 -0.18 36.06 12.00
N ALA D 93 0.12 34.79 11.80
CA ALA D 93 1.46 34.37 11.71
C ALA D 93 2.17 34.92 10.50
N ILE D 94 1.48 34.99 9.42
CA ILE D 94 1.97 35.53 8.20
C ILE D 94 2.29 37.02 8.28
N VAL D 95 1.46 37.78 8.97
CA VAL D 95 1.71 39.19 9.13
C VAL D 95 2.91 39.43 9.98
N GLN D 96 3.08 38.64 10.97
CA GLN D 96 4.13 38.90 11.94
C GLN D 96 5.49 38.37 11.48
N LEU D 97 5.50 37.20 10.83
CA LEU D 97 6.74 36.55 10.45
C LEU D 97 7.02 36.52 8.95
N GLY D 98 6.01 36.75 8.11
CA GLY D 98 6.16 36.56 6.68
C GLY D 98 5.56 35.23 6.27
N PRO D 99 5.51 34.96 4.97
CA PRO D 99 4.89 33.71 4.49
C PRO D 99 5.58 32.48 5.08
N VAL D 100 4.79 31.47 5.47
CA VAL D 100 5.36 30.28 6.09
C VAL D 100 5.98 29.39 5.01
N ASP D 101 7.17 28.86 5.30
CA ASP D 101 7.84 27.90 4.43
C ASP D 101 7.53 26.46 4.82
N VAL D 102 7.32 26.20 6.11
CA VAL D 102 7.14 24.84 6.62
C VAL D 102 5.86 24.84 7.44
N LEU D 103 4.82 24.13 6.97
CA LEU D 103 3.57 23.98 7.71
C LEU D 103 3.50 22.59 8.33
N VAL D 104 3.30 22.53 9.65
CA VAL D 104 3.20 21.27 10.36
C VAL D 104 1.82 21.19 11.00
N ASN D 105 0.98 20.32 10.45
CA ASN D 105 -0.36 20.05 10.99
C ASN D 105 -0.23 18.94 12.01
N ASN D 106 -0.02 19.35 13.27
CA ASN D 106 0.25 18.41 14.35
C ASN D 106 -0.94 18.14 15.25
N ALA D 107 -1.88 19.07 15.40
CA ALA D 107 -2.99 18.86 16.32
C ALA D 107 -3.87 17.68 15.89
N GLY D 108 -4.32 16.92 16.87
CA GLY D 108 -5.20 15.79 16.63
C GLY D 108 -5.75 15.28 17.95
N ILE D 109 -6.77 14.42 17.85
CA ILE D 109 -7.42 13.88 19.03
C ILE D 109 -7.72 12.41 18.80
N PHE D 110 -7.67 11.62 19.89
CA PHE D 110 -7.85 10.17 19.82
C PHE D 110 -9.11 9.76 20.60
N LEU D 111 -10.25 9.69 19.91
CA LEU D 111 -11.53 9.24 20.47
C LEU D 111 -11.84 7.81 20.00
N ALA D 112 -11.77 6.84 20.93
CA ALA D 112 -11.88 5.42 20.62
C ALA D 112 -12.91 4.74 21.50
N GLY D 113 -13.39 3.57 21.07
CA GLY D 113 -14.35 2.80 21.84
C GLY D 113 -15.22 1.87 21.02
N PRO D 114 -16.17 1.19 21.67
CA PRO D 114 -17.04 0.26 20.95
C PRO D 114 -17.84 0.97 19.86
N LEU D 115 -18.02 0.28 18.74
CA LEU D 115 -18.61 0.90 17.57
C LEU D 115 -20.06 1.34 17.80
N GLY D 116 -20.81 0.64 18.65
CA GLY D 116 -22.19 1.01 18.84
C GLY D 116 -22.37 2.23 19.73
N GLU D 117 -21.34 2.62 20.47
CA GLU D 117 -21.41 3.75 21.37
C GLU D 117 -20.89 5.06 20.76
N VAL D 118 -20.39 5.04 19.52
CA VAL D 118 -19.91 6.28 18.90
C VAL D 118 -21.09 7.22 18.65
N THR D 119 -20.90 8.49 18.99
CA THR D 119 -21.91 9.54 18.87
C THR D 119 -21.57 10.49 17.74
N LEU D 120 -22.57 11.26 17.32
CA LEU D 120 -22.30 12.30 16.33
C LEU D 120 -21.34 13.34 16.89
N ASP D 121 -21.38 13.58 18.21
CA ASP D 121 -20.40 14.46 18.82
C ASP D 121 -18.99 13.89 18.70
N ASP D 122 -18.84 12.57 18.86
CA ASP D 122 -17.52 11.98 18.64
C ASP D 122 -17.07 12.13 17.20
N TYR D 123 -17.99 11.90 16.25
CA TYR D 123 -17.62 11.98 14.84
C TYR D 123 -17.24 13.40 14.45
N GLU D 124 -18.04 14.38 14.87
CA GLU D 124 -17.82 15.75 14.47
C GLU D 124 -16.51 16.29 15.02
N ARG D 125 -16.20 15.97 16.28
CA ARG D 125 -14.97 16.50 16.87
C ARG D 125 -13.73 15.87 16.26
N THR D 126 -13.79 14.56 16.01
CA THR D 126 -12.68 13.84 15.40
C THR D 126 -12.40 14.35 14.00
N MET D 127 -13.45 14.55 13.19
CA MET D 127 -13.25 14.99 11.81
C MET D 127 -12.88 16.47 11.74
N ASN D 128 -13.43 17.29 12.63
CA ASN D 128 -13.11 18.71 12.61
C ASN D 128 -11.64 18.95 12.97
N ILE D 129 -11.13 18.20 13.94
CA ILE D 129 -9.76 18.38 14.43
C ILE D 129 -8.75 17.62 13.58
N ASN D 130 -9.03 16.35 13.27
CA ASN D 130 -8.03 15.53 12.58
C ASN D 130 -7.99 15.76 11.07
N VAL D 131 -9.03 16.35 10.48
CA VAL D 131 -9.12 16.49 9.03
C VAL D 131 -9.32 17.93 8.61
N ARG D 132 -10.37 18.57 9.14
CA ARG D 132 -10.73 19.93 8.72
C ARG D 132 -9.67 20.96 9.11
N ALA D 133 -9.15 20.89 10.33
CA ALA D 133 -8.14 21.86 10.77
C ALA D 133 -6.87 21.82 9.91
N PRO D 134 -6.25 20.66 9.62
CA PRO D 134 -5.12 20.68 8.69
C PRO D 134 -5.49 21.22 7.31
N PHE D 135 -6.70 20.95 6.83
CA PHE D 135 -7.08 21.45 5.52
C PHE D 135 -7.26 22.98 5.53
N VAL D 136 -7.79 23.52 6.62
CA VAL D 136 -7.96 24.97 6.71
C VAL D 136 -6.62 25.68 6.80
N ALA D 137 -5.71 25.13 7.62
CA ALA D 137 -4.38 25.75 7.74
C ALA D 137 -3.66 25.73 6.40
N ILE D 138 -3.83 24.65 5.64
CA ILE D 138 -3.20 24.55 4.33
C ILE D 138 -3.83 25.55 3.37
N GLN D 139 -5.16 25.70 3.41
CA GLN D 139 -5.82 26.67 2.54
C GLN D 139 -5.37 28.09 2.84
N ALA D 140 -5.13 28.39 4.11
CA ALA D 140 -4.68 29.73 4.46
C ALA D 140 -3.21 29.97 4.12
N ALA D 141 -2.36 28.94 4.27
CA ALA D 141 -0.92 29.07 4.07
C ALA D 141 -0.48 28.92 2.62
N GLN D 142 -1.21 28.13 1.82
CA GLN D 142 -0.65 27.67 0.54
C GLN D 142 -0.46 28.81 -0.46
N ALA D 143 -1.31 29.78 -0.50
CA ALA D 143 -1.16 30.77 -1.49
C ALA D 143 0.10 31.61 -1.43
N SER D 144 0.52 31.94 -0.23
CA SER D 144 1.69 32.70 -0.07
C SER D 144 2.95 31.88 0.13
N MET D 145 2.81 30.57 0.15
CA MET D 145 3.94 29.71 0.39
C MET D 145 4.99 29.88 -0.68
N PRO D 146 6.22 30.16 -0.27
CA PRO D 146 7.30 30.33 -1.26
C PRO D 146 7.63 29.03 -1.96
N ASP D 147 8.23 29.15 -3.15
CA ASP D 147 8.65 27.96 -3.87
C ASP D 147 9.58 27.13 -3.00
N GLY D 148 9.45 25.81 -3.08
CA GLY D 148 10.20 24.93 -2.23
C GLY D 148 9.66 24.75 -0.83
N GLY D 149 8.40 25.14 -0.56
CA GLY D 149 7.84 25.00 0.77
C GLY D 149 7.53 23.56 1.14
N ARG D 150 7.21 23.36 2.42
CA ARG D 150 6.97 22.03 2.96
C ARG D 150 5.65 22.02 3.72
N ILE D 151 4.79 21.05 3.40
CA ILE D 151 3.58 20.76 4.16
C ILE D 151 3.76 19.38 4.76
N ILE D 152 3.62 19.29 6.08
CA ILE D 152 3.90 18.06 6.83
C ILE D 152 2.68 17.76 7.71
N ASN D 153 1.86 16.80 7.29
CA ASN D 153 0.76 16.29 8.11
C ASN D 153 1.25 15.20 9.05
N ILE D 154 0.64 15.14 10.23
CA ILE D 154 0.93 14.11 11.21
C ILE D 154 -0.22 13.11 11.21
N GLY D 155 0.10 11.87 10.87
CA GLY D 155 -0.92 10.84 10.80
C GLY D 155 -0.90 9.91 11.99
N SER D 156 -0.96 8.61 11.70
CA SER D 156 -0.90 7.55 12.69
C SER D 156 -0.64 6.24 11.99
N CYS D 157 -0.01 5.31 12.71
CA CYS D 157 0.12 3.95 12.19
C CYS D 157 -1.24 3.29 12.00
N LEU D 158 -2.26 3.73 12.74
CA LEU D 158 -3.62 3.22 12.59
C LEU D 158 -4.28 3.66 11.27
N ALA D 159 -3.75 4.69 10.62
CA ALA D 159 -4.26 5.04 9.29
C ALA D 159 -4.06 3.90 8.29
N GLU D 160 -2.97 3.15 8.41
CA GLU D 160 -2.66 2.07 7.49
C GLU D 160 -3.06 0.69 8.02
N ARG D 161 -3.04 0.48 9.33
CA ARG D 161 -3.44 -0.80 9.90
C ARG D 161 -4.18 -0.57 11.22
N ALA D 162 -5.49 -0.89 11.22
CA ALA D 162 -6.28 -1.00 12.45
C ALA D 162 -6.04 -2.41 12.96
N GLY D 163 -5.09 -2.57 13.87
CA GLY D 163 -4.78 -3.90 14.39
C GLY D 163 -5.82 -4.50 15.31
N ARG D 164 -6.73 -3.69 15.84
CA ARG D 164 -7.69 -4.12 16.83
C ARG D 164 -9.02 -3.42 16.63
N ALA D 165 -10.04 -3.92 17.32
CA ALA D 165 -11.34 -3.27 17.35
C ALA D 165 -11.32 -2.00 18.21
N GLY D 166 -12.20 -1.06 17.87
CA GLY D 166 -12.42 0.14 18.65
C GLY D 166 -11.77 1.41 18.16
N VAL D 167 -11.14 1.40 16.99
CA VAL D 167 -10.45 2.59 16.49
C VAL D 167 -10.95 3.00 15.12
N THR D 168 -12.20 2.63 14.79
CA THR D 168 -12.72 2.84 13.45
C THR D 168 -12.79 4.32 13.10
N LEU D 169 -13.31 5.14 14.01
CA LEU D 169 -13.50 6.54 13.70
C LEU D 169 -12.15 7.25 13.54
N TYR D 170 -11.22 6.97 14.46
CA TYR D 170 -9.90 7.58 14.42
C TYR D 170 -9.09 7.14 13.19
N ALA D 171 -9.12 5.85 12.85
CA ALA D 171 -8.38 5.39 11.67
C ALA D 171 -8.94 5.98 10.39
N ALA D 172 -10.25 6.18 10.33
CA ALA D 172 -10.86 6.84 9.18
C ALA D 172 -10.36 8.28 9.04
N SER D 173 -10.30 9.02 10.15
CA SER D 173 -9.84 10.41 10.08
C SER D 173 -8.37 10.49 9.66
N LYS D 174 -7.54 9.55 10.13
CA LYS D 174 -6.13 9.59 9.78
C LYS D 174 -5.88 9.14 8.35
N SER D 175 -6.58 8.10 7.87
CA SER D 175 -6.40 7.68 6.49
C SER D 175 -6.94 8.72 5.51
N ALA D 176 -7.83 9.62 5.96
CA ALA D 176 -8.21 10.74 5.12
C ALA D 176 -7.00 11.60 4.77
N LEU D 177 -6.02 11.70 5.68
CA LEU D 177 -4.81 12.47 5.42
C LEU D 177 -3.98 11.88 4.30
N LEU D 178 -4.04 10.56 4.10
CA LEU D 178 -3.25 9.94 3.04
C LEU D 178 -3.64 10.48 1.67
N GLY D 179 -4.93 10.51 1.37
CA GLY D 179 -5.39 11.04 0.09
C GLY D 179 -5.24 12.55 -0.02
N MET D 180 -5.45 13.26 1.09
CA MET D 180 -5.24 14.71 1.05
C MET D 180 -3.78 15.04 0.77
N THR D 181 -2.87 14.29 1.39
CA THR D 181 -1.45 14.57 1.19
C THR D 181 -1.02 14.26 -0.23
N ARG D 182 -1.48 13.13 -0.77
CA ARG D 182 -1.15 12.79 -2.15
C ARG D 182 -1.77 13.79 -3.12
N GLY D 183 -2.97 14.27 -2.84
CA GLY D 183 -3.56 15.29 -3.70
C GLY D 183 -2.82 16.62 -3.61
N LEU D 184 -2.36 16.98 -2.40
CA LEU D 184 -1.61 18.22 -2.22
C LEU D 184 -0.27 18.18 -2.96
N ALA D 185 0.37 17.01 -3.01
CA ALA D 185 1.66 16.92 -3.70
C ALA D 185 1.51 17.22 -5.19
N ARG D 186 0.40 16.77 -5.79
CA ARG D 186 0.10 17.08 -7.19
C ARG D 186 -0.30 18.54 -7.36
N ASP D 187 -1.06 19.08 -6.40
CA ASP D 187 -1.54 20.46 -6.52
C ASP D 187 -0.41 21.49 -6.44
N LEU D 188 0.61 21.22 -5.65
CA LEU D 188 1.61 22.23 -5.35
C LEU D 188 3.00 21.86 -5.86
N GLY D 189 3.15 20.72 -6.54
CA GLY D 189 4.46 20.25 -6.94
C GLY D 189 5.14 21.14 -7.95
N ALA D 190 4.36 21.81 -8.81
CA ALA D 190 4.96 22.65 -9.84
C ALA D 190 5.72 23.83 -9.24
N ARG D 191 5.33 24.26 -8.05
CA ARG D 191 6.02 25.31 -7.30
C ARG D 191 7.15 24.77 -6.44
N GLY D 192 7.40 23.45 -6.47
CA GLY D 192 8.46 22.86 -5.67
C GLY D 192 8.08 22.57 -4.25
N ILE D 193 6.81 22.76 -3.89
CA ILE D 193 6.30 22.50 -2.54
C ILE D 193 6.06 21.01 -2.39
N THR D 194 6.54 20.45 -1.28
CA THR D 194 6.30 19.04 -0.97
C THR D 194 5.15 18.92 0.04
N ALA D 195 4.49 17.76 0.02
CA ALA D 195 3.45 17.42 0.99
C ALA D 195 3.61 15.97 1.39
N ASN D 196 3.84 15.72 2.68
CA ASN D 196 4.10 14.38 3.19
C ASN D 196 3.32 14.19 4.48
N VAL D 197 3.09 12.94 4.86
CA VAL D 197 2.42 12.61 6.11
C VAL D 197 3.29 11.64 6.90
N VAL D 198 3.50 11.96 8.18
CA VAL D 198 4.28 11.14 9.10
C VAL D 198 3.31 10.34 9.97
N HIS D 199 3.61 9.05 10.16
CA HIS D 199 2.72 8.15 10.91
C HIS D 199 3.42 7.68 12.17
N PRO D 200 3.18 8.31 13.31
CA PRO D 200 3.76 7.80 14.55
C PRO D 200 3.21 6.44 14.93
N GLY D 201 4.08 5.64 15.54
CA GLY D 201 3.64 4.46 16.25
C GLY D 201 3.32 4.92 17.66
N PRO D 202 3.30 4.00 18.63
CA PRO D 202 3.13 4.43 20.02
C PRO D 202 4.27 5.35 20.43
N ILE D 203 3.94 6.45 21.11
CA ILE D 203 4.92 7.45 21.52
C ILE D 203 4.64 7.82 22.97
N ASP D 204 5.71 7.93 23.76
CA ASP D 204 5.59 8.23 25.20
C ASP D 204 5.29 9.72 25.38
N THR D 205 4.03 10.03 25.67
CA THR D 205 3.55 11.39 25.88
C THR D 205 2.67 11.40 27.12
N ASP D 206 2.20 12.60 27.49
CA ASP D 206 1.26 12.70 28.60
C ASP D 206 -0.04 11.97 28.27
N MET D 207 -0.47 12.02 27.01
CA MET D 207 -1.70 11.36 26.60
C MET D 207 -1.56 9.85 26.48
N ASN D 208 -0.38 9.36 26.11
CA ASN D 208 -0.15 7.93 25.90
C ASN D 208 1.13 7.50 26.60
N PRO D 209 1.08 7.34 27.93
CA PRO D 209 2.29 6.95 28.67
C PRO D 209 2.79 5.59 28.24
N ALA D 210 4.12 5.44 28.25
CA ALA D 210 4.76 4.16 27.99
C ALA D 210 4.60 3.20 29.16
N ASP D 211 4.20 3.69 30.33
CA ASP D 211 3.99 2.86 31.50
C ASP D 211 2.55 2.37 31.63
N GLY D 212 1.71 2.61 30.63
CA GLY D 212 0.31 2.28 30.77
C GLY D 212 0.08 0.78 30.79
N GLU D 213 -1.11 0.41 31.26
CA GLU D 213 -1.45 -1.01 31.36
C GLU D 213 -1.50 -1.69 30.01
N ARG D 214 -1.92 -0.98 28.97
CA ARG D 214 -2.01 -1.51 27.62
C ARG D 214 -0.69 -1.39 26.86
N SER D 215 0.34 -0.81 27.49
CA SER D 215 1.61 -0.64 26.81
C SER D 215 2.20 -1.98 26.40
N GLY D 216 2.00 -3.01 27.21
CA GLY D 216 2.58 -4.31 26.91
C GLY D 216 1.91 -4.97 25.71
N GLU D 217 0.58 -4.78 25.59
CA GLU D 217 -0.15 -5.31 24.44
C GLU D 217 0.30 -4.64 23.14
N LEU D 218 0.63 -3.34 23.21
CA LEU D 218 1.12 -2.64 22.03
C LEU D 218 2.54 -3.04 21.69
N VAL D 219 3.41 -3.16 22.70
CA VAL D 219 4.81 -3.47 22.47
C VAL D 219 4.95 -4.85 21.84
N ALA D 220 4.06 -5.78 22.18
CA ALA D 220 4.17 -7.14 21.67
C ALA D 220 3.98 -7.21 20.16
N VAL D 221 3.22 -6.27 19.57
CA VAL D 221 3.00 -6.29 18.13
C VAL D 221 4.00 -5.42 17.35
N LEU D 222 4.93 -4.73 18.04
CA LEU D 222 5.99 -3.97 17.39
C LEU D 222 7.19 -4.86 17.01
N SER D 223 7.93 -4.40 15.99
CA SER D 223 9.23 -5.02 15.70
C SER D 223 10.29 -4.60 16.70
N LEU D 224 10.34 -3.31 17.05
CA LEU D 224 11.17 -2.81 18.13
C LEU D 224 10.36 -2.82 19.41
N PRO D 225 10.78 -3.55 20.46
CA PRO D 225 9.94 -3.81 21.63
C PRO D 225 9.85 -2.68 22.67
N HIS D 226 9.51 -1.47 22.21
CA HIS D 226 9.37 -0.35 23.13
C HIS D 226 8.63 0.79 22.45
N TYR D 227 8.07 1.67 23.26
CA TYR D 227 7.51 2.91 22.74
C TYR D 227 8.61 3.80 22.20
N GLY D 228 8.27 4.63 21.21
CA GLY D 228 9.15 5.67 20.74
C GLY D 228 9.08 6.92 21.61
N GLU D 229 9.85 7.93 21.22
CA GLU D 229 9.89 9.20 21.91
C GLU D 229 9.52 10.32 20.94
N VAL D 230 9.17 11.47 21.50
CA VAL D 230 8.77 12.60 20.67
C VAL D 230 9.91 13.04 19.75
N ARG D 231 11.17 12.83 20.17
CA ARG D 231 12.29 13.24 19.33
C ARG D 231 12.32 12.47 18.00
N ASP D 232 11.77 11.25 17.98
CA ASP D 232 11.69 10.49 16.74
C ASP D 232 10.78 11.17 15.73
N ILE D 233 9.60 11.64 16.18
CA ILE D 233 8.70 12.34 15.27
C ILE D 233 9.29 13.68 14.85
N ALA D 234 9.87 14.42 15.81
CA ALA D 234 10.47 15.71 15.49
C ALA D 234 11.67 15.55 14.54
N GLY D 235 12.40 14.45 14.66
CA GLY D 235 13.52 14.24 13.76
C GLY D 235 13.06 13.96 12.33
N MET D 236 11.98 13.18 12.19
CA MET D 236 11.42 12.97 10.86
C MET D 236 10.90 14.26 10.27
N VAL D 237 10.20 15.07 11.09
CA VAL D 237 9.67 16.34 10.60
C VAL D 237 10.81 17.28 10.19
N ALA D 238 11.89 17.32 10.98
CA ALA D 238 13.01 18.19 10.61
C ALA D 238 13.64 17.71 9.31
N PHE D 239 13.69 16.38 9.12
CA PHE D 239 14.25 15.85 7.88
C PHE D 239 13.45 16.31 6.68
N LEU D 240 12.12 16.23 6.77
CA LEU D 240 11.25 16.68 5.67
C LEU D 240 11.33 18.19 5.48
N ALA D 241 11.53 18.94 6.56
CA ALA D 241 11.60 20.40 6.47
C ALA D 241 12.88 20.89 5.80
N GLY D 242 13.97 20.12 5.90
CA GLY D 242 15.29 20.57 5.50
C GLY D 242 15.76 20.28 4.08
N PRO D 243 17.04 20.56 3.81
CA PRO D 243 17.59 20.33 2.46
C PRO D 243 17.52 18.90 1.95
N ASP D 244 17.63 17.92 2.84
CA ASP D 244 17.61 16.53 2.44
C ASP D 244 16.20 16.03 2.07
N GLY D 245 15.15 16.75 2.42
CA GLY D 245 13.79 16.36 2.09
C GLY D 245 13.20 16.98 0.83
N ARG D 246 14.00 17.69 0.04
CA ARG D 246 13.49 18.50 -1.06
C ARG D 246 12.85 17.65 -2.17
N TYR D 247 13.23 16.39 -2.32
CA TYR D 247 12.66 15.52 -3.36
C TYR D 247 11.67 14.51 -2.81
N VAL D 248 11.31 14.59 -1.54
CA VAL D 248 10.34 13.68 -0.93
C VAL D 248 8.99 14.38 -0.95
N THR D 249 8.03 13.83 -1.70
CA THR D 249 6.69 14.42 -1.71
C THR D 249 5.67 13.36 -2.06
N GLY D 250 4.48 13.47 -1.45
CA GLY D 250 3.42 12.52 -1.65
C GLY D 250 3.59 11.24 -0.87
N ALA D 251 4.57 11.18 0.02
CA ALA D 251 4.92 9.95 0.69
C ALA D 251 4.23 9.84 2.05
N SER D 252 4.02 8.59 2.48
CA SER D 252 3.62 8.26 3.84
C SER D 252 4.83 7.63 4.52
N LEU D 253 5.29 8.24 5.61
CA LEU D 253 6.55 7.85 6.25
C LEU D 253 6.27 7.36 7.67
N ALA D 254 6.30 6.03 7.87
CA ALA D 254 6.09 5.49 9.20
C ALA D 254 7.31 5.69 10.11
N VAL D 255 7.03 6.05 11.36
CA VAL D 255 7.98 6.05 12.47
C VAL D 255 7.30 5.26 13.58
N ASP D 256 7.10 3.97 13.35
CA ASP D 256 6.15 3.20 14.14
C ASP D 256 6.75 2.01 14.89
N GLY D 257 8.08 1.87 14.92
CA GLY D 257 8.68 0.74 15.61
C GLY D 257 8.44 -0.58 14.92
N GLY D 258 8.20 -0.58 13.62
CA GLY D 258 7.89 -1.81 12.92
C GLY D 258 6.49 -2.33 13.12
N PHE D 259 5.56 -1.45 13.50
CA PHE D 259 4.17 -1.87 13.75
C PHE D 259 3.56 -2.50 12.50
N ALA D 260 3.89 -1.96 11.32
CA ALA D 260 3.36 -2.45 10.06
C ALA D 260 4.14 -3.60 9.43
N ALA D 261 5.34 -3.90 9.92
CA ALA D 261 6.19 -4.90 9.29
C ALA D 261 5.58 -6.30 9.26
#